data_6WT2
#
_entry.id   6WT2
#
_cell.length_a   81.556
_cell.length_b   70.167
_cell.length_c   85.624
_cell.angle_alpha   90.000
_cell.angle_beta   89.961
_cell.angle_gamma   90.000
#
_symmetry.space_group_name_H-M   'P 1 21 1'
#
loop_
_entity.id
_entity.type
_entity.pdbx_description
1 polymer 'Putative NAD(P)H-flavin oxidoreductase'
2 non-polymer 'NICOTINIC ACID'
3 non-polymer 'CHLORIDE ION'
4 non-polymer 'FLAVIN MONONUCLEOTIDE'
5 non-polymer 1,2-ETHANEDIOL
6 non-polymer 'FORMIC ACID'
7 water water
#
_entity_poly.entity_id   1
_entity_poly.type   'polypeptide(L)'
_entity_poly.pdbx_seq_one_letter_code
;SNA(MSE)TVLDREQVLSAFKNRKSCRHYDAARKISAEDFQFILELGRLSPSSVGSEPWQFVVVQNPEIRQAIKPFSWG
(MSE)ADALDTASHLVVFLAKKNARFDSPF(MSE)LESLKRRGVTEPDA(MSE)AKSLARYQAFQADDIKILDDSRALFD
WCCRQTYIALGN(MSE)(MSE)TGAA(MSE)AGIDSCPVEGFNYAD(MSE)ERVLSGQFGLFDAAEWGVSVAATFGYRVQ
EIATKARRPLEETVIWA
;
_entity_poly.pdbx_strand_id   A,B,C,D
#
# COMPACT_ATOMS: atom_id res chain seq x y z
N THR A 5 24.92 -9.97 27.44
CA THR A 5 25.82 -10.32 26.35
C THR A 5 26.42 -9.01 25.85
N VAL A 6 27.71 -8.81 26.09
CA VAL A 6 28.33 -7.50 25.97
C VAL A 6 29.13 -7.44 24.69
N LEU A 7 28.98 -6.35 23.95
CA LEU A 7 29.77 -6.09 22.75
C LEU A 7 30.85 -5.06 23.05
N ASP A 8 31.97 -5.15 22.34
CA ASP A 8 33.01 -4.14 22.49
C ASP A 8 32.49 -2.81 21.95
N ARG A 9 32.83 -1.72 22.64
CA ARG A 9 32.25 -0.43 22.28
C ARG A 9 32.68 0.03 20.89
N GLU A 10 33.87 -0.37 20.42
CA GLU A 10 34.25 0.01 19.07
C GLU A 10 33.41 -0.73 18.03
N GLN A 11 33.02 -1.97 18.34
CA GLN A 11 32.09 -2.72 17.50
C GLN A 11 30.70 -2.08 17.51
N VAL A 12 30.24 -1.66 18.69
CA VAL A 12 28.96 -0.96 18.77
C VAL A 12 28.99 0.31 17.93
N LEU A 13 29.98 1.17 18.17
CA LEU A 13 30.07 2.42 17.43
C LEU A 13 30.16 2.17 15.92
N SER A 14 30.96 1.20 15.50
CA SER A 14 31.10 0.92 14.07
C SER A 14 29.76 0.52 13.46
N ALA A 15 28.97 -0.30 14.17
CA ALA A 15 27.68 -0.72 13.62
C ALA A 15 26.67 0.42 13.66
N PHE A 16 26.70 1.22 14.74
CA PHE A 16 25.85 2.41 14.84
C PHE A 16 26.06 3.35 13.65
N LYS A 17 27.31 3.49 13.18
CA LYS A 17 27.60 4.36 12.04
C LYS A 17 27.02 3.86 10.73
N ASN A 18 26.47 2.64 10.68
CA ASN A 18 25.74 2.21 9.50
C ASN A 18 24.56 3.13 9.21
N ARG A 19 23.96 3.72 10.25
CA ARG A 19 22.69 4.41 10.06
C ARG A 19 22.90 5.74 9.36
N LYS A 20 22.27 5.88 8.19
CA LYS A 20 22.26 7.12 7.44
C LYS A 20 20.84 7.27 6.90
N SER A 21 20.35 8.50 6.86
CA SER A 21 19.00 8.69 6.32
C SER A 21 19.00 8.36 4.83
N CYS A 22 18.07 7.47 4.44
CA CYS A 22 17.98 6.98 3.08
C CYS A 22 16.67 7.45 2.46
N ARG A 23 16.76 8.18 1.34
CA ARG A 23 15.56 8.67 0.68
C ARG A 23 15.14 7.82 -0.53
N HIS A 24 15.99 6.90 -0.97
CA HIS A 24 15.79 6.18 -2.22
C HIS A 24 16.18 4.73 -2.01
N TYR A 25 15.19 3.86 -2.04
CA TYR A 25 15.39 2.45 -1.74
C TYR A 25 15.35 1.62 -3.01
N ASP A 26 15.89 0.41 -2.91
CA ASP A 26 15.75 -0.58 -3.98
C ASP A 26 14.33 -1.14 -3.94
N ALA A 27 13.51 -0.76 -4.92
CA ALA A 27 12.10 -1.14 -4.90
C ALA A 27 11.88 -2.65 -4.97
N ALA A 28 12.85 -3.42 -5.45
CA ALA A 28 12.66 -4.85 -5.54
C ALA A 28 13.03 -5.60 -4.26
N ARG A 29 13.67 -4.95 -3.29
CA ARG A 29 14.19 -5.64 -2.11
C ARG A 29 13.26 -5.45 -0.92
N LYS A 30 12.69 -6.55 -0.43
CA LYS A 30 11.77 -6.52 0.71
C LYS A 30 12.47 -7.04 1.96
N ILE A 31 12.23 -6.37 3.08
CA ILE A 31 12.65 -6.88 4.38
C ILE A 31 11.82 -8.11 4.71
N SER A 32 12.48 -9.18 5.12
CA SER A 32 11.74 -10.40 5.48
C SER A 32 10.82 -10.14 6.67
N ALA A 33 9.78 -10.98 6.77
CA ALA A 33 8.86 -10.90 7.89
C ALA A 33 9.61 -11.00 9.21
N GLU A 34 10.55 -11.95 9.30
CA GLU A 34 11.32 -12.15 10.52
C GLU A 34 12.19 -10.94 10.83
N ASP A 35 12.86 -10.39 9.83
CA ASP A 35 13.70 -9.21 10.09
C ASP A 35 12.86 -8.03 10.55
N PHE A 36 11.68 -7.84 9.95
CA PHE A 36 10.87 -6.71 10.35
C PHE A 36 10.28 -6.91 11.74
N GLN A 37 9.96 -8.15 12.12
CA GLN A 37 9.51 -8.40 13.48
C GLN A 37 10.58 -7.99 14.49
N PHE A 38 11.85 -8.25 14.15
CA PHE A 38 12.96 -7.80 15.00
C PHE A 38 12.96 -6.29 15.16
N ILE A 39 12.69 -5.55 14.08
CA ILE A 39 12.63 -4.09 14.15
C ILE A 39 11.48 -3.64 15.06
N LEU A 40 10.29 -4.21 14.85
CA LEU A 40 9.18 -3.86 15.73
C LEU A 40 9.51 -4.17 17.19
N GLU A 41 10.27 -5.24 17.43
CA GLU A 41 10.58 -5.61 18.80
C GLU A 41 11.45 -4.56 19.47
N LEU A 42 12.37 -3.94 18.70
CA LEU A 42 13.18 -2.89 19.28
C LEU A 42 12.32 -1.74 19.77
N GLY A 43 11.24 -1.43 19.04
CA GLY A 43 10.34 -0.39 19.50
C GLY A 43 9.50 -0.83 20.69
N ARG A 44 8.99 -2.07 20.64
CA ARG A 44 8.24 -2.61 21.77
C ARG A 44 9.03 -2.53 23.08
N LEU A 45 10.30 -2.92 23.03
CA LEU A 45 11.11 -3.00 24.22
C LEU A 45 11.69 -1.65 24.65
N SER A 46 11.43 -0.58 23.92
CA SER A 46 12.01 0.70 24.26
C SER A 46 11.46 1.16 25.62
N PRO A 47 12.22 1.96 26.36
CA PRO A 47 11.70 2.50 27.61
C PRO A 47 10.75 3.66 27.35
N SER A 48 10.01 4.00 28.39
CA SER A 48 9.08 5.12 28.35
C SER A 48 8.88 5.61 29.76
N SER A 49 8.56 6.90 29.87
CA SER A 49 8.25 7.50 31.16
C SER A 49 7.14 6.70 31.85
N VAL A 50 7.36 6.36 33.12
CA VAL A 50 6.49 5.55 33.99
C VAL A 50 6.03 4.28 33.32
N GLY A 51 6.79 3.78 32.36
CA GLY A 51 6.38 2.56 31.68
C GLY A 51 5.07 2.70 30.94
N SER A 52 4.77 3.91 30.45
CA SER A 52 3.47 4.15 29.83
C SER A 52 3.34 3.48 28.46
N GLU A 53 4.43 3.32 27.72
CA GLU A 53 4.42 2.76 26.37
C GLU A 53 3.33 3.42 25.51
N PRO A 54 3.34 4.75 25.40
CA PRO A 54 2.16 5.46 24.89
C PRO A 54 2.14 5.51 23.37
N TRP A 55 2.41 4.39 22.73
CA TRP A 55 2.61 4.35 21.29
C TRP A 55 1.81 3.24 20.65
N GLN A 56 1.47 3.45 19.38
CA GLN A 56 1.09 2.39 18.45
C GLN A 56 1.99 2.52 17.23
N PHE A 57 2.30 1.40 16.58
CA PHE A 57 3.10 1.41 15.35
C PHE A 57 2.18 1.00 14.20
N VAL A 58 1.83 1.94 13.34
CA VAL A 58 1.00 1.65 12.17
C VAL A 58 1.92 1.28 11.01
N VAL A 59 1.90 0.01 10.62
CA VAL A 59 2.71 -0.48 9.51
C VAL A 59 1.90 -0.34 8.24
N VAL A 60 2.35 0.52 7.35
CA VAL A 60 1.56 0.92 6.19
C VAL A 60 2.17 0.22 4.97
N GLN A 61 1.69 -0.99 4.72
CA GLN A 61 2.14 -1.80 3.60
C GLN A 61 1.19 -1.78 2.41
N ASN A 62 -0.05 -1.36 2.63
CA ASN A 62 -1.07 -1.26 1.58
C ASN A 62 -0.73 -0.12 0.62
N PRO A 63 -0.39 -0.38 -0.64
CA PRO A 63 -0.05 0.72 -1.54
C PRO A 63 -1.20 1.68 -1.81
N GLU A 64 -2.47 1.28 -1.60
CA GLU A 64 -3.56 2.24 -1.70
C GLU A 64 -3.42 3.33 -0.65
N ILE A 65 -3.03 2.96 0.56
CA ILE A 65 -2.83 3.94 1.60
C ILE A 65 -1.61 4.78 1.30
N ARG A 66 -0.52 4.14 0.87
CA ARG A 66 0.69 4.91 0.54
C ARG A 66 0.41 5.95 -0.53
N GLN A 67 -0.34 5.56 -1.57
N GLN A 67 -0.35 5.57 -1.57
CA GLN A 67 -0.68 6.51 -2.63
CA GLN A 67 -0.68 6.53 -2.62
C GLN A 67 -1.60 7.61 -2.12
C GLN A 67 -1.59 7.63 -2.10
N ALA A 68 -2.44 7.31 -1.12
CA ALA A 68 -3.36 8.30 -0.58
C ALA A 68 -2.64 9.38 0.21
N ILE A 69 -1.51 9.04 0.86
CA ILE A 69 -0.81 10.03 1.67
C ILE A 69 0.30 10.73 0.89
N LYS A 70 0.68 10.20 -0.26
CA LYS A 70 1.76 10.80 -1.04
C LYS A 70 1.56 12.28 -1.36
N PRO A 71 0.37 12.76 -1.77
CA PRO A 71 0.25 14.18 -2.15
C PRO A 71 0.62 15.18 -1.06
N PHE A 72 0.56 14.81 0.22
CA PHE A 72 0.95 15.73 1.28
C PHE A 72 2.16 15.25 2.07
N SER A 73 2.88 14.24 1.56
CA SER A 73 4.01 13.69 2.29
C SER A 73 5.32 13.95 1.57
N TRP A 74 5.60 15.21 1.29
CA TRP A 74 6.74 15.58 0.45
C TRP A 74 8.07 15.12 1.05
N GLY A 75 8.15 14.99 2.37
CA GLY A 75 9.38 14.52 2.98
C GLY A 75 9.76 13.08 2.65
N ALA A 77 8.21 11.44 -0.45
CA ALA A 77 7.37 11.17 -1.62
C ALA A 77 7.95 10.04 -2.47
N ASP A 78 9.26 10.07 -2.73
CA ASP A 78 9.86 9.03 -3.53
C ASP A 78 9.91 7.70 -2.78
N ALA A 79 10.08 7.73 -1.45
CA ALA A 79 10.20 6.50 -0.68
C ALA A 79 8.87 5.75 -0.59
N LEU A 80 7.74 6.45 -0.73
CA LEU A 80 6.44 5.78 -0.69
C LEU A 80 6.30 4.78 -1.84
N ASP A 81 7.02 4.99 -2.94
CA ASP A 81 7.01 4.04 -4.04
C ASP A 81 8.04 2.93 -3.89
N THR A 82 9.10 3.14 -3.12
CA THR A 82 10.23 2.23 -3.15
C THR A 82 10.56 1.57 -1.82
N ALA A 83 10.13 2.13 -0.70
CA ALA A 83 10.49 1.57 0.59
C ALA A 83 9.85 0.20 0.79
N SER A 84 10.59 -0.69 1.46
CA SER A 84 10.02 -1.97 1.86
C SER A 84 8.88 -1.77 2.86
N HIS A 85 9.15 -1.05 3.94
CA HIS A 85 8.20 -0.84 5.01
C HIS A 85 8.09 0.63 5.36
N LEU A 86 6.92 1.01 5.84
CA LEU A 86 6.64 2.32 6.40
C LEU A 86 5.94 2.16 7.74
N VAL A 87 6.42 2.88 8.75
CA VAL A 87 5.81 2.88 10.08
C VAL A 87 5.41 4.32 10.40
N VAL A 88 4.15 4.51 10.76
CA VAL A 88 3.67 5.79 11.27
C VAL A 88 3.43 5.58 12.76
N PHE A 89 4.10 6.38 13.58
CA PHE A 89 4.03 6.28 15.03
C PHE A 89 2.87 7.11 15.54
N LEU A 90 2.02 6.50 16.36
CA LEU A 90 0.95 7.19 17.06
C LEU A 90 1.34 7.38 18.52
N ALA A 91 0.93 8.50 19.09
CA ALA A 91 1.12 8.73 20.51
C ALA A 91 -0.24 8.86 21.20
N LYS A 92 -0.31 8.40 22.44
CA LYS A 92 -1.55 8.46 23.22
C LYS A 92 -1.95 9.90 23.50
N LYS A 93 -3.23 10.21 23.28
CA LYS A 93 -3.82 11.48 23.70
C LYS A 93 -4.39 11.35 25.11
N ASN A 94 -4.36 12.48 25.84
CA ASN A 94 -4.97 12.60 27.17
C ASN A 94 -4.55 11.45 28.08
N ALA A 95 -3.25 11.22 28.14
CA ALA A 95 -2.68 10.20 29.04
C ALA A 95 -2.49 10.79 30.44
N ARG A 96 -3.60 11.24 31.01
CA ARG A 96 -3.63 11.75 32.38
C ARG A 96 -3.37 10.63 33.38
N PHE A 97 -2.88 11.03 34.57
CA PHE A 97 -2.64 10.05 35.64
C PHE A 97 -3.88 9.22 35.97
N ASP A 98 -5.09 9.77 35.78
CA ASP A 98 -6.33 9.09 36.14
C ASP A 98 -7.03 8.44 34.95
N SER A 99 -6.30 8.26 33.79
CA SER A 99 -6.99 7.65 32.65
C SER A 99 -6.93 6.13 32.72
N PRO A 100 -7.89 5.42 32.10
CA PRO A 100 -7.80 3.96 32.07
C PRO A 100 -6.51 3.44 31.43
N PHE A 101 -5.98 4.17 30.46
CA PHE A 101 -4.77 3.73 29.79
C PHE A 101 -3.58 3.73 30.73
N LEU A 103 -3.82 3.56 34.05
CA LEU A 103 -4.08 2.51 35.03
C LEU A 103 -3.54 1.17 34.54
N GLU A 104 -3.75 0.86 33.27
CA GLU A 104 -3.28 -0.41 32.72
C GLU A 104 -1.76 -0.48 32.74
N SER A 105 -1.07 0.62 32.40
CA SER A 105 0.38 0.59 32.39
C SER A 105 0.93 0.44 33.80
N LEU A 106 0.24 1.00 34.79
CA LEU A 106 0.66 0.86 36.18
C LEU A 106 0.55 -0.57 36.67
N LYS A 107 -0.55 -1.26 36.34
CA LYS A 107 -0.65 -2.66 36.70
C LYS A 107 0.43 -3.48 36.01
N ARG A 108 0.79 -3.11 34.77
CA ARG A 108 1.82 -3.82 34.04
C ARG A 108 3.20 -3.64 34.67
N ARG A 109 3.41 -2.55 35.43
CA ARG A 109 4.61 -2.41 36.25
C ARG A 109 4.59 -3.29 37.48
N GLY A 110 3.51 -4.03 37.73
CA GLY A 110 3.42 -4.87 38.90
C GLY A 110 2.89 -4.19 40.14
N VAL A 111 2.20 -3.06 39.99
CA VAL A 111 1.56 -2.39 41.12
C VAL A 111 0.06 -2.62 41.00
N THR A 112 -0.48 -3.53 41.80
CA THR A 112 -1.89 -3.90 41.68
C THR A 112 -2.66 -3.91 42.98
N GLU A 113 -2.00 -3.89 44.12
CA GLU A 113 -2.70 -3.76 45.39
C GLU A 113 -3.32 -2.37 45.46
N PRO A 114 -4.61 -2.25 45.80
CA PRO A 114 -5.29 -0.96 45.66
C PRO A 114 -4.63 0.20 46.41
N ASP A 115 -4.19 -0.01 47.66
CA ASP A 115 -3.50 1.07 48.36
C ASP A 115 -2.20 1.43 47.67
N ALA A 116 -1.45 0.43 47.21
CA ALA A 116 -0.21 0.70 46.48
C ALA A 116 -0.48 1.46 45.20
N ALA A 118 -3.09 3.37 44.49
CA ALA A 118 -3.51 4.71 44.86
C ALA A 118 -2.30 5.62 45.13
N LYS A 119 -1.29 5.09 45.81
CA LYS A 119 -0.12 5.90 46.16
C LYS A 119 0.74 6.23 44.94
N SER A 120 0.85 5.27 44.01
CA SER A 120 1.56 5.54 42.76
C SER A 120 0.85 6.61 41.94
N LEU A 121 -0.47 6.51 41.82
CA LEU A 121 -1.22 7.49 41.03
C LEU A 121 -1.11 8.88 41.64
N ALA A 122 -1.05 8.98 42.96
CA ALA A 122 -0.81 10.26 43.60
C ALA A 122 0.54 10.84 43.18
N ARG A 123 1.58 10.00 43.11
CA ARG A 123 2.88 10.48 42.65
C ARG A 123 2.85 10.88 41.18
N TYR A 124 2.17 10.07 40.34
CA TYR A 124 2.02 10.45 38.93
C TYR A 124 1.34 11.80 38.78
N GLN A 125 0.30 12.04 39.59
CA GLN A 125 -0.42 13.31 39.51
C GLN A 125 0.49 14.48 39.82
N ALA A 126 1.27 14.37 40.90
CA ALA A 126 2.19 15.45 41.27
C ALA A 126 3.24 15.66 40.20
N PHE A 127 3.76 14.56 39.65
CA PHE A 127 4.72 14.65 38.54
C PHE A 127 4.13 15.43 37.38
N GLN A 128 2.92 15.05 36.96
CA GLN A 128 2.31 15.67 35.79
C GLN A 128 1.84 17.09 36.08
N ALA A 129 1.35 17.35 37.29
CA ALA A 129 0.80 18.68 37.56
C ALA A 129 1.89 19.68 37.93
N ASP A 130 2.91 19.26 38.67
CA ASP A 130 3.84 20.18 39.32
C ASP A 130 5.26 20.14 38.80
N ASP A 131 5.74 18.99 38.33
CA ASP A 131 7.14 18.87 37.94
C ASP A 131 7.35 19.16 36.46
N ILE A 132 6.69 18.39 35.60
CA ILE A 132 6.82 18.63 34.17
C ILE A 132 5.68 19.51 33.65
N LYS A 133 4.60 19.66 34.41
CA LYS A 133 3.55 20.65 34.19
C LYS A 133 2.89 20.47 32.81
N ILE A 134 2.19 19.35 32.67
CA ILE A 134 1.52 19.03 31.42
C ILE A 134 0.02 18.83 31.58
N LEU A 135 -0.54 19.13 32.75
CA LEU A 135 -1.96 18.91 33.01
C LEU A 135 -2.84 20.14 32.73
N ASP A 136 -2.26 21.27 32.34
CA ASP A 136 -3.09 22.42 32.01
C ASP A 136 -3.42 22.49 30.53
N ASP A 137 -2.71 21.73 29.68
CA ASP A 137 -2.86 21.82 28.24
C ASP A 137 -2.87 20.41 27.66
N SER A 138 -3.93 20.09 26.91
CA SER A 138 -4.00 18.78 26.26
C SER A 138 -2.89 18.60 25.24
N ARG A 139 -2.43 19.69 24.63
N ARG A 139 -2.41 19.69 24.63
CA ARG A 139 -1.33 19.58 23.67
CA ARG A 139 -1.33 19.57 23.65
C ARG A 139 -0.03 19.20 24.36
C ARG A 139 -0.01 19.22 24.35
N ALA A 140 0.24 19.81 25.52
CA ALA A 140 1.45 19.47 26.26
C ALA A 140 1.43 18.01 26.72
N LEU A 141 0.26 17.55 27.15
CA LEU A 141 0.11 16.13 27.49
C LEU A 141 0.36 15.24 26.28
N PHE A 142 -0.18 15.59 25.12
CA PHE A 142 0.08 14.80 23.91
C PHE A 142 1.56 14.84 23.53
N ASP A 143 2.17 16.03 23.64
CA ASP A 143 3.59 16.17 23.30
C ASP A 143 4.48 15.36 24.22
N TRP A 144 4.09 15.23 25.50
CA TRP A 144 4.77 14.32 26.42
C TRP A 144 4.83 12.90 25.87
N CYS A 145 3.69 12.38 25.40
CA CYS A 145 3.69 11.04 24.84
C CYS A 145 4.50 10.97 23.55
N CYS A 146 4.38 11.99 22.68
CA CYS A 146 5.18 12.05 21.46
C CYS A 146 6.68 11.93 21.73
N ARG A 147 7.17 12.58 22.79
CA ARG A 147 8.58 12.45 23.11
C ARG A 147 8.99 11.00 23.32
N GLN A 148 8.16 10.24 24.06
CA GLN A 148 8.47 8.83 24.28
C GLN A 148 8.58 8.08 22.95
N THR A 149 7.71 8.39 21.99
CA THR A 149 7.73 7.67 20.72
C THR A 149 9.01 7.89 19.93
N TYR A 150 9.70 9.00 20.18
CA TYR A 150 10.95 9.25 19.49
C TYR A 150 12.08 8.37 20.05
N ILE A 151 11.93 7.89 21.28
CA ILE A 151 12.85 6.88 21.79
C ILE A 151 12.71 5.59 20.98
N ALA A 152 11.47 5.11 20.82
CA ALA A 152 11.23 3.92 20.02
C ALA A 152 11.70 4.11 18.60
N LEU A 153 11.41 5.28 18.02
CA LEU A 153 11.91 5.60 16.68
C LEU A 153 13.43 5.46 16.61
N GLY A 154 14.16 6.12 17.51
CA GLY A 154 15.61 6.04 17.50
C GLY A 154 16.12 4.61 17.60
N ASN A 155 15.52 3.81 18.49
CA ASN A 155 15.98 2.44 18.72
C ASN A 155 15.71 1.55 17.50
N THR A 158 18.30 2.58 14.69
CA THR A 158 19.66 2.17 15.02
C THR A 158 19.80 0.65 14.92
N GLY A 159 18.89 -0.07 15.56
CA GLY A 159 18.95 -1.52 15.52
C GLY A 159 18.85 -2.06 14.11
N ALA A 160 17.92 -1.53 13.32
CA ALA A 160 17.84 -1.90 11.91
C ALA A 160 19.18 -1.70 11.21
N ALA A 161 19.76 -0.51 11.35
CA ALA A 161 21.02 -0.21 10.69
C ALA A 161 22.13 -1.14 11.15
N ALA A 163 21.95 -4.15 11.90
CA ALA A 163 21.71 -5.42 11.23
C ALA A 163 21.74 -5.30 9.70
N GLY A 164 22.03 -4.13 9.15
CA GLY A 164 22.20 -3.96 7.72
C GLY A 164 21.00 -3.42 6.96
N ILE A 165 20.03 -2.84 7.65
CA ILE A 165 18.77 -2.42 7.05
C ILE A 165 18.72 -0.91 7.11
N ASP A 166 18.43 -0.28 5.98
CA ASP A 166 18.44 1.17 5.92
C ASP A 166 17.10 1.72 6.39
N SER A 167 17.10 3.02 6.74
CA SER A 167 15.89 3.67 7.20
C SER A 167 15.98 5.17 6.94
N CYS A 168 14.86 5.87 7.22
CA CYS A 168 14.83 7.34 7.24
C CYS A 168 13.73 7.76 8.21
N PRO A 169 14.02 8.63 9.18
CA PRO A 169 12.95 9.22 9.97
C PRO A 169 12.25 10.31 9.17
N VAL A 170 10.96 10.50 9.44
CA VAL A 170 10.15 11.38 8.57
C VAL A 170 9.19 12.21 9.41
N GLU A 171 9.36 13.54 9.35
CA GLU A 171 8.36 14.51 9.81
C GLU A 171 7.75 15.30 8.66
N GLY A 172 8.25 15.12 7.44
CA GLY A 172 7.86 15.97 6.34
C GLY A 172 6.52 15.60 5.72
N PHE A 173 5.45 15.82 6.46
CA PHE A 173 4.11 15.59 5.94
C PHE A 173 3.14 16.50 6.67
N ASN A 174 1.99 16.73 6.06
CA ASN A 174 0.94 17.49 6.73
C ASN A 174 0.32 16.61 7.81
N TYR A 175 0.47 17.02 9.07
CA TYR A 175 0.05 16.16 10.17
C TYR A 175 -1.46 16.01 10.24
N ALA A 176 -2.19 17.10 9.98
CA ALA A 176 -3.65 17.03 10.00
C ALA A 176 -4.18 16.14 8.88
N ASP A 177 -3.59 16.23 7.69
CA ASP A 177 -3.99 15.37 6.59
C ASP A 177 -3.70 13.90 6.91
N GLU A 179 -3.63 12.37 9.78
N GLU A 179 -3.61 12.36 9.82
CA GLU A 179 -4.63 11.84 10.72
CA GLU A 179 -4.63 11.84 10.72
C GLU A 179 -5.98 11.68 10.05
C GLU A 179 -5.94 11.63 9.99
N ARG A 180 -6.33 12.59 9.13
CA ARG A 180 -7.59 12.46 8.40
C ARG A 180 -7.62 11.19 7.55
N VAL A 181 -6.54 10.93 6.81
CA VAL A 181 -6.50 9.78 5.91
C VAL A 181 -6.39 8.47 6.69
N LEU A 182 -5.43 8.40 7.62
CA LEU A 182 -5.23 7.14 8.34
C LEU A 182 -6.41 6.80 9.24
N SER A 183 -6.95 7.80 9.94
CA SER A 183 -8.04 7.52 10.87
C SER A 183 -9.41 7.68 10.24
N GLY A 184 -9.61 8.73 9.43
CA GLY A 184 -10.94 8.98 8.91
C GLY A 184 -11.23 8.13 7.69
N GLN A 185 -10.33 8.15 6.71
CA GLN A 185 -10.57 7.47 5.45
C GLN A 185 -10.40 5.96 5.58
N PHE A 186 -9.40 5.50 6.34
CA PHE A 186 -9.11 4.07 6.42
C PHE A 186 -9.41 3.46 7.79
N GLY A 187 -9.88 4.26 8.74
CA GLY A 187 -10.37 3.73 10.00
C GLY A 187 -9.35 2.90 10.76
N LEU A 188 -8.08 3.31 10.74
CA LEU A 188 -7.03 2.51 11.35
C LEU A 188 -6.93 2.73 12.86
N PHE A 189 -7.37 3.89 13.35
CA PHE A 189 -7.33 4.16 14.78
C PHE A 189 -8.36 5.21 15.14
N ASP A 190 -8.68 5.28 16.42
CA ASP A 190 -9.60 6.27 16.97
C ASP A 190 -8.83 7.57 17.22
N ALA A 191 -9.13 8.61 16.43
CA ALA A 191 -8.40 9.88 16.54
C ALA A 191 -8.68 10.62 17.83
N ALA A 192 -9.71 10.23 18.59
CA ALA A 192 -9.89 10.83 19.91
C ALA A 192 -8.86 10.32 20.89
N GLU A 193 -8.34 9.12 20.67
CA GLU A 193 -7.45 8.44 21.61
C GLU A 193 -5.99 8.46 21.21
N TRP A 194 -5.69 8.65 19.92
CA TRP A 194 -4.33 8.57 19.40
C TRP A 194 -4.10 9.69 18.39
N GLY A 195 -2.85 10.17 18.31
CA GLY A 195 -2.49 11.18 17.32
C GLY A 195 -1.18 10.82 16.66
N VAL A 196 -1.01 11.34 15.44
CA VAL A 196 0.21 11.05 14.68
C VAL A 196 1.39 11.81 15.28
N SER A 197 2.50 11.10 15.45
CA SER A 197 3.70 11.61 16.11
C SER A 197 4.85 11.85 15.15
N VAL A 198 5.20 10.83 14.36
CA VAL A 198 6.38 10.81 13.49
C VAL A 198 6.26 9.57 12.62
N ALA A 199 7.04 9.49 11.54
CA ALA A 199 7.05 8.31 10.68
C ALA A 199 8.48 7.89 10.42
N ALA A 200 8.64 6.67 9.89
CA ALA A 200 9.95 6.17 9.47
C ALA A 200 9.76 5.21 8.30
N THR A 201 10.69 5.26 7.35
CA THR A 201 10.76 4.29 6.27
C THR A 201 11.89 3.30 6.54
N PHE A 202 11.77 2.10 5.99
CA PHE A 202 12.79 1.07 6.12
C PHE A 202 12.93 0.30 4.83
N GLY A 203 14.16 -0.09 4.52
CA GLY A 203 14.42 -0.86 3.32
C GLY A 203 15.91 -1.00 3.07
N TYR A 204 16.25 -1.22 1.82
CA TYR A 204 17.63 -1.38 1.39
C TYR A 204 17.95 -0.28 0.39
N ARG A 205 19.05 0.45 0.65
CA ARG A 205 19.37 1.64 -0.13
C ARG A 205 19.68 1.27 -1.58
N VAL A 206 19.31 2.17 -2.49
CA VAL A 206 19.55 1.91 -3.91
C VAL A 206 20.95 2.34 -4.33
N GLN A 207 21.58 3.27 -3.61
CA GLN A 207 22.91 3.73 -3.96
C GLN A 207 23.66 4.05 -2.67
N GLU A 208 24.93 4.40 -2.81
CA GLU A 208 25.70 4.77 -1.64
C GLU A 208 25.22 6.10 -1.09
N ILE A 209 25.29 6.24 0.22
CA ILE A 209 24.88 7.45 0.92
C ILE A 209 26.10 8.01 1.65
N ALA A 210 26.39 9.29 1.41
CA ALA A 210 27.49 9.93 2.10
C ALA A 210 27.15 10.19 3.56
N THR A 211 28.14 10.01 4.43
CA THR A 211 27.98 10.33 5.85
C THR A 211 27.74 11.83 6.02
N LYS A 212 26.73 12.18 6.81
CA LYS A 212 26.38 13.59 7.00
C LYS A 212 27.08 14.17 8.22
N ALA A 213 27.31 15.48 8.20
CA ALA A 213 28.11 16.15 9.21
C ALA A 213 27.36 16.26 10.53
N ARG A 214 28.12 16.44 11.60
CA ARG A 214 27.59 16.79 12.91
C ARG A 214 28.44 17.90 13.51
N ARG A 215 27.82 18.71 14.33
CA ARG A 215 28.55 19.70 15.09
C ARG A 215 29.65 19.01 15.91
N PRO A 216 30.80 19.64 16.08
CA PRO A 216 31.83 19.03 16.95
C PRO A 216 31.35 18.89 18.38
N LEU A 217 31.82 17.82 19.02
CA LEU A 217 31.42 17.52 20.39
C LEU A 217 31.70 18.70 21.33
N GLU A 218 32.77 19.46 21.07
CA GLU A 218 33.10 20.58 21.92
C GLU A 218 32.08 21.72 21.83
N GLU A 219 31.23 21.72 20.81
CA GLU A 219 30.12 22.67 20.70
C GLU A 219 28.80 22.06 21.16
N THR A 220 28.83 20.92 21.83
CA THR A 220 27.58 20.27 22.22
C THR A 220 27.63 19.89 23.69
N VAL A 221 28.82 19.55 24.17
CA VAL A 221 29.00 19.05 25.52
C VAL A 221 29.35 20.22 26.44
N ILE A 222 28.65 20.30 27.57
CA ILE A 222 28.93 21.27 28.61
C ILE A 222 29.39 20.51 29.84
N TRP A 223 30.65 20.68 30.21
CA TRP A 223 31.23 19.95 31.33
C TRP A 223 30.96 20.70 32.63
N ALA A 224 30.30 20.04 33.56
CA ALA A 224 29.99 20.61 34.85
C ALA A 224 29.97 19.51 35.90
N THR B 5 29.50 -2.21 8.67
CA THR B 5 29.86 -3.28 9.59
C THR B 5 28.58 -3.87 10.16
N VAL B 6 28.25 -5.09 9.76
CA VAL B 6 26.93 -5.66 9.94
C VAL B 6 26.99 -6.75 11.01
N LEU B 7 26.10 -6.66 11.99
CA LEU B 7 25.98 -7.64 13.06
C LEU B 7 24.75 -8.51 12.84
N ASP B 8 24.81 -9.75 13.33
CA ASP B 8 23.63 -10.60 13.29
C ASP B 8 22.51 -9.96 14.11
N ARG B 9 21.28 -9.97 13.56
CA ARG B 9 20.19 -9.34 14.29
C ARG B 9 19.94 -10.02 15.62
N GLU B 10 20.22 -11.32 15.74
CA GLU B 10 20.07 -11.97 17.03
C GLU B 10 21.09 -11.46 18.04
N GLN B 11 22.32 -11.19 17.59
CA GLN B 11 23.31 -10.56 18.46
C GLN B 11 22.89 -9.13 18.79
N VAL B 12 22.29 -8.43 17.84
CA VAL B 12 21.85 -7.06 18.10
C VAL B 12 20.76 -7.06 19.16
N LEU B 13 19.75 -7.92 18.98
CA LEU B 13 18.66 -7.99 19.93
C LEU B 13 19.15 -8.42 21.30
N SER B 14 20.09 -9.37 21.34
CA SER B 14 20.59 -9.86 22.63
C SER B 14 21.25 -8.75 23.42
N ALA B 15 22.11 -7.97 22.76
CA ALA B 15 22.81 -6.88 23.44
C ALA B 15 21.84 -5.75 23.80
N PHE B 16 20.86 -5.48 22.93
CA PHE B 16 19.86 -4.45 23.20
C PHE B 16 19.13 -4.72 24.51
N LYS B 17 18.83 -6.00 24.80
CA LYS B 17 18.15 -6.38 26.04
C LYS B 17 19.03 -6.19 27.27
N ASN B 18 20.29 -5.79 27.11
CA ASN B 18 21.09 -5.40 28.27
C ASN B 18 20.47 -4.22 28.98
N ARG B 19 19.75 -3.36 28.25
CA ARG B 19 19.34 -2.07 28.80
C ARG B 19 18.14 -2.25 29.71
N LYS B 20 18.33 -1.94 30.99
CA LYS B 20 17.24 -1.89 31.97
C LYS B 20 17.44 -0.64 32.79
N SER B 21 16.34 0.02 33.16
CA SER B 21 16.46 1.23 33.98
C SER B 21 17.07 0.89 35.35
N CYS B 22 18.18 1.55 35.67
CA CYS B 22 18.91 1.28 36.90
C CYS B 22 18.80 2.47 37.84
N ARG B 23 18.26 2.25 39.04
CA ARG B 23 18.13 3.32 40.02
C ARG B 23 19.22 3.31 41.08
N HIS B 24 20.03 2.26 41.15
CA HIS B 24 20.99 2.07 42.23
C HIS B 24 22.31 1.62 41.62
N TYR B 25 23.32 2.46 41.72
CA TYR B 25 24.61 2.20 41.12
C TYR B 25 25.64 1.85 42.19
N ASP B 26 26.71 1.22 41.76
CA ASP B 26 27.89 0.98 42.59
C ASP B 26 28.68 2.29 42.66
N ALA B 27 28.67 2.93 43.83
CA ALA B 27 29.34 4.22 43.99
C ALA B 27 30.84 4.16 43.77
N ALA B 28 31.44 2.97 43.86
CA ALA B 28 32.89 2.85 43.70
C ALA B 28 33.34 2.77 42.24
N ARG B 29 32.44 2.49 41.30
CA ARG B 29 32.84 2.22 39.93
C ARG B 29 32.53 3.43 39.06
N LYS B 30 33.57 3.96 38.41
CA LYS B 30 33.43 5.11 37.51
C LYS B 30 33.56 4.65 36.07
N ILE B 31 32.74 5.22 35.19
CA ILE B 31 32.96 5.05 33.76
C ILE B 31 34.22 5.81 33.37
N SER B 32 35.12 5.14 32.64
CA SER B 32 36.35 5.78 32.17
C SER B 32 36.04 6.91 31.20
N ALA B 33 36.99 7.86 31.10
CA ALA B 33 36.80 9.01 30.22
C ALA B 33 36.58 8.57 28.78
N GLU B 34 37.36 7.60 28.30
CA GLU B 34 37.18 7.08 26.96
C GLU B 34 35.83 6.39 26.79
N ASP B 35 35.41 5.56 27.76
CA ASP B 35 34.11 4.91 27.65
C ASP B 35 32.99 5.94 27.60
N PHE B 36 33.12 7.04 28.37
CA PHE B 36 32.02 8.00 28.39
C PHE B 36 32.00 8.88 27.13
N GLN B 37 33.16 9.15 26.55
N GLN B 37 33.15 9.14 26.52
CA GLN B 37 33.19 9.87 25.27
CA GLN B 37 33.12 9.89 25.27
C GLN B 37 32.45 9.09 24.19
C GLN B 37 32.45 9.08 24.17
N PHE B 38 32.52 7.75 24.25
CA PHE B 38 31.82 6.92 23.29
C PHE B 38 30.31 7.10 23.43
N ILE B 39 29.82 7.18 24.67
CA ILE B 39 28.41 7.44 24.90
C ILE B 39 28.03 8.81 24.36
N LEU B 40 28.83 9.82 24.67
CA LEU B 40 28.57 11.15 24.11
C LEU B 40 28.56 11.11 22.59
N GLU B 41 29.38 10.26 21.97
CA GLU B 41 29.46 10.22 20.52
C GLU B 41 28.17 9.66 19.91
N LEU B 42 27.58 8.67 20.56
CA LEU B 42 26.27 8.18 20.10
C LEU B 42 25.24 9.30 20.10
N GLY B 43 25.31 10.19 21.09
CA GLY B 43 24.40 11.31 21.10
C GLY B 43 24.70 12.29 19.98
N ARG B 44 25.97 12.66 19.83
CA ARG B 44 26.37 13.59 18.77
C ARG B 44 25.92 13.10 17.40
N LEU B 45 26.09 11.80 17.13
CA LEU B 45 25.82 11.23 15.82
C LEU B 45 24.34 10.93 15.57
N SER B 46 23.45 11.19 16.53
CA SER B 46 22.05 10.84 16.33
C SER B 46 21.42 11.70 15.25
N PRO B 47 20.40 11.19 14.54
CA PRO B 47 19.69 12.03 13.57
C PRO B 47 18.80 13.05 14.26
N SER B 48 18.39 14.05 13.49
CA SER B 48 17.51 15.10 14.00
C SER B 48 16.80 15.72 12.80
N SER B 49 15.57 16.17 13.04
CA SER B 49 14.82 16.86 12.00
C SER B 49 15.65 17.99 11.39
N VAL B 50 15.67 18.05 10.05
CA VAL B 50 16.47 18.94 9.19
C VAL B 50 17.93 19.05 9.61
N GLY B 51 18.47 18.03 10.28
CA GLY B 51 19.84 18.14 10.75
C GLY B 51 20.05 19.26 11.73
N SER B 52 19.00 19.61 12.50
CA SER B 52 19.07 20.74 13.41
C SER B 52 20.01 20.48 14.59
N GLU B 53 20.15 19.23 15.01
CA GLU B 53 20.94 18.83 16.18
C GLU B 53 20.65 19.79 17.35
N PRO B 54 19.37 19.95 17.74
CA PRO B 54 18.97 21.06 18.62
C PRO B 54 19.18 20.76 20.10
N TRP B 55 20.35 20.22 20.43
CA TRP B 55 20.64 19.71 21.77
C TRP B 55 21.97 20.22 22.31
N GLN B 56 22.06 20.26 23.64
CA GLN B 56 23.31 20.34 24.38
C GLN B 56 23.30 19.23 25.43
N PHE B 57 24.47 18.64 25.70
CA PHE B 57 24.60 17.60 26.72
C PHE B 57 25.36 18.18 27.89
N VAL B 58 24.66 18.47 28.99
CA VAL B 58 25.29 19.00 30.20
C VAL B 58 25.72 17.81 31.05
N VAL B 59 27.02 17.61 31.19
CA VAL B 59 27.55 16.51 31.99
C VAL B 59 27.78 17.04 33.40
N VAL B 60 27.02 16.53 34.37
CA VAL B 60 26.98 17.08 35.72
C VAL B 60 27.81 16.14 36.58
N GLN B 61 29.13 16.37 36.61
CA GLN B 61 30.02 15.60 37.47
C GLN B 61 30.36 16.31 38.78
N ASN B 62 30.08 17.60 38.88
CA ASN B 62 30.37 18.35 40.10
C ASN B 62 29.43 17.93 41.22
N PRO B 63 29.91 17.31 42.30
CA PRO B 63 28.98 16.89 43.37
C PRO B 63 28.26 18.05 44.03
N GLU B 64 28.80 19.27 43.98
CA GLU B 64 28.07 20.44 44.49
C GLU B 64 26.79 20.68 43.70
N ILE B 65 26.85 20.47 42.38
CA ILE B 65 25.64 20.67 41.57
C ILE B 65 24.67 19.52 41.80
N ARG B 66 25.18 18.30 41.90
CA ARG B 66 24.31 17.16 42.19
C ARG B 66 23.55 17.35 43.50
N GLN B 67 24.23 17.88 44.53
N GLN B 67 24.23 17.90 44.52
N GLN B 67 24.23 17.87 44.52
CA GLN B 67 23.55 18.10 45.80
CA GLN B 67 23.56 18.11 45.80
CA GLN B 67 23.59 18.12 45.81
C GLN B 67 22.55 19.25 45.70
C GLN B 67 22.56 19.25 45.71
C GLN B 67 22.56 19.25 45.70
N ALA B 68 22.84 20.26 44.88
CA ALA B 68 21.90 21.38 44.72
C ALA B 68 20.60 20.94 44.07
N ILE B 69 20.64 19.93 43.21
CA ILE B 69 19.43 19.51 42.50
C ILE B 69 18.73 18.35 43.19
N LYS B 70 19.40 17.67 44.12
CA LYS B 70 18.76 16.55 44.82
C LYS B 70 17.42 16.91 45.47
N PRO B 71 17.26 18.05 46.16
CA PRO B 71 15.96 18.31 46.82
C PRO B 71 14.74 18.23 45.92
N PHE B 72 14.88 18.49 44.61
CA PHE B 72 13.71 18.47 43.73
C PHE B 72 13.81 17.42 42.63
N SER B 73 14.71 16.44 42.78
CA SER B 73 14.89 15.45 41.73
C SER B 73 14.55 14.06 42.26
N TRP B 74 13.32 13.89 42.75
CA TRP B 74 12.97 12.65 43.45
C TRP B 74 13.11 11.42 42.55
N GLY B 75 12.97 11.61 41.24
CA GLY B 75 13.09 10.51 40.29
C GLY B 75 14.47 9.88 40.24
N ALA B 77 16.86 10.42 43.12
CA ALA B 77 17.47 10.94 44.35
C ALA B 77 18.65 10.07 44.80
N ASP B 78 18.48 8.75 44.80
CA ASP B 78 19.56 7.87 45.23
C ASP B 78 20.71 7.87 44.23
N ALA B 79 20.40 7.92 42.93
CA ALA B 79 21.42 7.85 41.90
C ALA B 79 22.32 9.08 41.91
N LEU B 80 21.81 10.21 42.39
CA LEU B 80 22.63 11.42 42.46
C LEU B 80 23.84 11.24 43.38
N ASP B 81 23.76 10.32 44.33
CA ASP B 81 24.88 10.02 45.21
C ASP B 81 25.72 8.85 44.73
N THR B 82 25.27 8.08 43.74
CA THR B 82 25.96 6.84 43.39
C THR B 82 26.28 6.70 41.91
N ALA B 83 25.60 7.42 41.03
CA ALA B 83 25.84 7.26 39.60
C ALA B 83 27.22 7.79 39.21
N SER B 84 27.83 7.13 38.22
CA SER B 84 29.09 7.61 37.69
C SER B 84 28.91 8.95 36.98
N HIS B 85 27.94 9.01 36.07
CA HIS B 85 27.75 10.18 35.23
C HIS B 85 26.28 10.58 35.21
N LEU B 86 26.06 11.88 35.06
CA LEU B 86 24.73 12.45 34.89
C LEU B 86 24.75 13.35 33.67
N VAL B 87 23.77 13.19 32.79
CA VAL B 87 23.61 14.08 31.64
C VAL B 87 22.25 14.72 31.74
N VAL B 88 22.21 16.04 31.69
CA VAL B 88 20.97 16.77 31.52
C VAL B 88 20.94 17.24 30.08
N PHE B 89 19.88 16.87 29.36
CA PHE B 89 19.73 17.20 27.95
C PHE B 89 19.05 18.55 27.84
N LEU B 90 19.64 19.47 27.07
CA LEU B 90 19.04 20.75 26.76
C LEU B 90 18.53 20.74 25.33
N ALA B 91 17.43 21.45 25.10
CA ALA B 91 16.84 21.57 23.78
C ALA B 91 16.75 23.05 23.40
N LYS B 92 16.94 23.31 22.11
CA LYS B 92 17.01 24.69 21.62
C LYS B 92 15.65 25.36 21.70
N LYS B 93 15.63 26.59 22.22
CA LYS B 93 14.42 27.41 22.21
C LYS B 93 14.35 28.25 20.94
N ASN B 94 13.12 28.51 20.48
N ASN B 94 13.12 28.52 20.50
CA ASN B 94 12.88 29.42 19.37
CA ASN B 94 12.82 29.39 19.36
C ASN B 94 13.67 29.03 18.13
C ASN B 94 13.67 29.02 18.15
N ALA B 95 13.70 27.74 17.82
CA ALA B 95 14.43 27.25 16.65
C ALA B 95 13.60 27.45 15.37
N ARG B 96 13.23 28.72 15.13
CA ARG B 96 12.54 29.13 13.92
C ARG B 96 13.40 28.94 12.68
N PHE B 97 12.73 28.73 11.55
CA PHE B 97 13.44 28.52 10.29
C PHE B 97 14.43 29.65 10.01
N ASP B 98 14.11 30.88 10.42
CA ASP B 98 14.92 32.06 10.14
C ASP B 98 15.90 32.42 11.27
N SER B 99 16.13 31.51 12.23
CA SER B 99 17.03 31.85 13.33
C SER B 99 18.49 31.59 12.94
N PRO B 100 19.45 32.33 13.54
CA PRO B 100 20.86 32.06 13.28
C PRO B 100 21.24 30.61 13.52
N PHE B 101 20.66 30.00 14.56
CA PHE B 101 20.98 28.62 14.89
C PHE B 101 20.61 27.69 13.73
N LEU B 103 20.20 28.58 10.60
CA LEU B 103 21.06 28.92 9.46
C LEU B 103 22.35 28.12 9.51
N GLU B 104 23.01 28.09 10.68
CA GLU B 104 24.24 27.31 10.82
C GLU B 104 24.00 25.82 10.54
N SER B 105 22.86 25.29 11.02
CA SER B 105 22.54 23.89 10.71
C SER B 105 22.33 23.68 9.22
N LEU B 106 21.78 24.67 8.52
CA LEU B 106 21.56 24.54 7.08
C LEU B 106 22.88 24.48 6.32
N LYS B 107 23.84 25.33 6.69
CA LYS B 107 25.14 25.30 6.03
C LYS B 107 25.86 23.99 6.31
N ARG B 108 25.74 23.48 7.54
CA ARG B 108 26.38 22.21 7.88
C ARG B 108 25.82 21.05 7.05
N ARG B 109 24.60 21.19 6.53
CA ARG B 109 24.07 20.22 5.59
C ARG B 109 24.70 20.37 4.20
N GLY B 110 25.56 21.35 3.99
CA GLY B 110 26.12 21.55 2.68
C GLY B 110 25.34 22.49 1.78
N VAL B 111 24.36 23.22 2.31
CA VAL B 111 23.63 24.20 1.51
C VAL B 111 24.14 25.59 1.85
N THR B 112 24.93 26.19 0.94
CA THR B 112 25.57 27.47 1.26
C THR B 112 25.49 28.50 0.14
N GLU B 113 25.22 28.12 -1.10
CA GLU B 113 25.00 29.11 -2.14
C GLU B 113 23.71 29.87 -1.84
N PRO B 114 23.71 31.20 -1.97
CA PRO B 114 22.60 32.00 -1.42
C PRO B 114 21.22 31.65 -1.99
N ASP B 115 21.08 31.45 -3.30
CA ASP B 115 19.79 31.08 -3.86
C ASP B 115 19.32 29.74 -3.31
N ALA B 116 20.23 28.75 -3.23
CA ALA B 116 19.85 27.45 -2.68
C ALA B 116 19.42 27.59 -1.21
N ALA B 118 18.09 30.15 0.27
CA ALA B 118 16.76 30.75 0.34
C ALA B 118 15.66 29.72 0.02
N LYS B 119 15.89 28.84 -0.96
CA LYS B 119 14.90 27.82 -1.27
C LYS B 119 14.73 26.84 -0.12
N SER B 120 15.82 26.47 0.55
CA SER B 120 15.71 25.55 1.69
C SER B 120 14.92 26.21 2.81
N LEU B 121 15.28 27.45 3.14
CA LEU B 121 14.60 28.16 4.23
C LEU B 121 13.11 28.30 3.95
N ALA B 122 12.75 28.51 2.68
CA ALA B 122 11.35 28.60 2.32
C ALA B 122 10.62 27.29 2.62
N ARG B 123 11.25 26.16 2.30
CA ARG B 123 10.66 24.86 2.62
C ARG B 123 10.58 24.65 4.13
N TYR B 124 11.62 25.07 4.88
CA TYR B 124 11.56 24.95 6.33
C TYR B 124 10.43 25.78 6.91
N GLN B 125 10.22 26.99 6.37
N GLN B 125 10.21 26.98 6.35
CA GLN B 125 9.11 27.83 6.81
CA GLN B 125 9.11 27.83 6.82
C GLN B 125 7.77 27.11 6.61
C GLN B 125 7.76 27.15 6.60
N ALA B 126 7.55 26.56 5.42
CA ALA B 126 6.27 25.92 5.13
C ALA B 126 6.07 24.69 6.01
N PHE B 127 7.14 23.93 6.23
CA PHE B 127 7.07 22.80 7.15
C PHE B 127 6.64 23.25 8.54
N GLN B 128 7.30 24.27 9.08
CA GLN B 128 7.01 24.67 10.46
C GLN B 128 5.65 25.32 10.58
N ALA B 129 5.25 26.10 9.57
CA ALA B 129 3.99 26.84 9.66
C ALA B 129 2.79 26.01 9.22
N ASP B 130 2.93 25.19 8.19
CA ASP B 130 1.78 24.57 7.56
C ASP B 130 1.63 23.09 7.83
N ASP B 131 2.74 22.36 8.01
CA ASP B 131 2.69 20.91 8.09
C ASP B 131 2.67 20.43 9.54
N ILE B 132 3.68 20.78 10.33
CA ILE B 132 3.69 20.39 11.74
C ILE B 132 3.14 21.49 12.66
N LYS B 133 3.01 22.72 12.15
CA LYS B 133 2.26 23.79 12.81
C LYS B 133 2.81 24.11 14.19
N ILE B 134 4.08 24.51 14.22
CA ILE B 134 4.76 24.86 15.45
C ILE B 134 5.29 26.28 15.44
N LEU B 135 5.29 26.96 14.29
CA LEU B 135 5.89 28.29 14.20
C LEU B 135 5.13 29.30 15.07
N ASP B 136 3.84 29.08 15.27
CA ASP B 136 3.03 30.00 16.05
C ASP B 136 3.43 29.98 17.53
N ASP B 137 3.57 28.79 18.11
CA ASP B 137 3.62 28.59 19.54
C ASP B 137 5.05 28.31 19.98
N SER B 138 5.57 29.15 20.88
CA SER B 138 6.94 28.96 21.35
C SER B 138 7.10 27.66 22.13
N ARG B 139 6.06 27.24 22.87
CA ARG B 139 6.18 25.97 23.60
C ARG B 139 6.20 24.80 22.63
N ALA B 140 5.36 24.86 21.59
CA ALA B 140 5.36 23.79 20.58
C ALA B 140 6.67 23.75 19.82
N LEU B 141 7.25 24.92 19.54
CA LEU B 141 8.55 24.97 18.87
C LEU B 141 9.63 24.35 19.73
N PHE B 142 9.61 24.66 21.03
CA PHE B 142 10.52 24.03 21.97
C PHE B 142 10.28 22.52 22.06
N ASP B 143 9.01 22.10 22.11
N ASP B 143 9.00 22.09 22.11
CA ASP B 143 8.72 20.67 22.22
CA ASP B 143 8.74 20.65 22.22
C ASP B 143 9.23 19.91 21.00
C ASP B 143 9.28 19.91 21.00
N TRP B 144 9.18 20.52 19.83
CA TRP B 144 9.71 19.91 18.62
C TRP B 144 11.18 19.56 18.78
N CYS B 145 11.98 20.50 19.32
CA CYS B 145 13.39 20.22 19.57
C CYS B 145 13.57 19.19 20.68
N CYS B 146 12.77 19.28 21.76
CA CYS B 146 12.81 18.25 22.79
C CYS B 146 12.62 16.84 22.23
N ARG B 147 11.66 16.67 21.31
CA ARG B 147 11.46 15.39 20.65
C ARG B 147 12.77 14.84 20.08
N GLN B 148 13.54 15.70 19.38
CA GLN B 148 14.81 15.27 18.81
C GLN B 148 15.78 14.78 19.90
N THR B 149 15.81 15.47 21.05
CA THR B 149 16.72 15.04 22.11
C THR B 149 16.36 13.66 22.66
N TYR B 150 15.09 13.23 22.57
CA TYR B 150 14.78 11.88 23.03
C TYR B 150 15.36 10.82 22.10
N ILE B 151 15.65 11.18 20.84
CA ILE B 151 16.37 10.28 19.95
C ILE B 151 17.80 10.08 20.46
N ALA B 152 18.49 11.19 20.77
CA ALA B 152 19.85 11.10 21.29
C ALA B 152 19.88 10.36 22.62
N LEU B 153 18.93 10.67 23.50
CA LEU B 153 18.78 9.93 24.75
C LEU B 153 18.67 8.43 24.52
N GLY B 154 17.73 8.01 23.66
CA GLY B 154 17.55 6.59 23.40
C GLY B 154 18.82 5.93 22.87
N ASN B 155 19.52 6.59 21.94
CA ASN B 155 20.70 5.99 21.34
C ASN B 155 21.84 5.87 22.35
N THR B 158 20.94 2.99 24.81
CA THR B 158 21.04 1.70 24.14
C THR B 158 22.49 1.32 23.87
N GLY B 159 23.25 2.24 23.27
CA GLY B 159 24.64 1.94 22.99
C GLY B 159 25.44 1.67 24.24
N ALA B 160 25.22 2.47 25.28
CA ALA B 160 25.90 2.21 26.56
C ALA B 160 25.61 0.81 27.06
N ALA B 161 24.35 0.39 27.01
CA ALA B 161 23.97 -0.91 27.56
C ALA B 161 24.59 -2.05 26.75
N ALA B 163 27.33 -2.09 25.38
CA ALA B 163 28.72 -2.16 25.77
C ALA B 163 28.90 -2.43 27.27
N GLY B 164 27.82 -2.72 28.00
CA GLY B 164 27.94 -3.15 29.39
C GLY B 164 27.84 -2.06 30.44
N ILE B 165 27.30 -0.90 30.11
CA ILE B 165 27.20 0.22 31.04
C ILE B 165 25.73 0.50 31.28
N ASP B 166 25.33 0.58 32.55
CA ASP B 166 23.92 0.76 32.89
C ASP B 166 23.53 2.22 32.84
N SER B 167 22.22 2.46 32.84
CA SER B 167 21.68 3.81 32.72
C SER B 167 20.25 3.85 33.22
N CYS B 168 19.72 5.09 33.31
CA CYS B 168 18.31 5.28 33.62
C CYS B 168 17.87 6.60 32.99
N PRO B 169 16.81 6.61 32.18
CA PRO B 169 16.24 7.89 31.76
C PRO B 169 15.49 8.54 32.91
N VAL B 170 15.45 9.88 32.91
CA VAL B 170 14.95 10.62 34.07
C VAL B 170 14.16 11.85 33.64
N GLU B 171 12.85 11.85 33.92
CA GLU B 171 12.01 13.04 33.91
C GLU B 171 11.56 13.47 35.30
N GLY B 172 11.87 12.69 36.34
CA GLY B 172 11.32 12.96 37.64
C GLY B 172 12.02 14.06 38.42
N PHE B 173 11.92 15.29 37.93
CA PHE B 173 12.44 16.44 38.66
C PHE B 173 11.56 17.64 38.34
N ASN B 174 11.63 18.65 39.19
CA ASN B 174 10.96 19.90 38.88
C ASN B 174 11.72 20.60 37.77
N TYR B 175 11.06 20.80 36.62
CA TYR B 175 11.78 21.33 35.46
C TYR B 175 12.17 22.79 35.66
N ALA B 176 11.29 23.58 36.29
CA ALA B 176 11.61 25.00 36.51
C ALA B 176 12.78 25.16 37.47
N ASP B 177 12.80 24.36 38.55
CA ASP B 177 13.93 24.41 39.49
C ASP B 177 15.22 23.97 38.82
N GLU B 179 16.13 24.23 35.72
CA GLU B 179 16.64 25.30 34.86
C GLU B 179 17.22 26.44 35.70
N ARG B 180 16.54 26.80 36.78
CA ARG B 180 17.01 27.88 37.63
C ARG B 180 18.37 27.56 38.24
N VAL B 181 18.55 26.33 38.73
CA VAL B 181 19.82 25.97 39.37
C VAL B 181 20.94 25.87 38.33
N LEU B 182 20.72 25.12 37.25
CA LEU B 182 21.78 24.90 36.27
C LEU B 182 22.15 26.17 35.53
N SER B 183 21.16 26.99 35.17
CA SER B 183 21.42 28.19 34.40
C SER B 183 21.64 29.42 35.28
N GLY B 184 20.86 29.58 36.33
CA GLY B 184 20.96 30.77 37.15
C GLY B 184 22.06 30.67 38.18
N GLN B 185 21.94 29.66 39.05
CA GLN B 185 22.91 29.53 40.14
C GLN B 185 24.29 29.18 39.62
N PHE B 186 24.40 28.25 38.67
CA PHE B 186 25.70 27.80 38.21
C PHE B 186 26.08 28.33 36.83
N GLY B 187 25.20 29.08 36.17
CA GLY B 187 25.56 29.76 34.95
C GLY B 187 26.05 28.86 33.84
N LEU B 188 25.47 27.67 33.70
CA LEU B 188 25.98 26.69 32.76
C LEU B 188 25.46 26.90 31.34
N PHE B 189 24.34 27.60 31.17
CA PHE B 189 23.81 27.88 29.84
C PHE B 189 22.89 29.08 29.92
N ASP B 190 22.66 29.69 28.76
CA ASP B 190 21.74 30.81 28.62
C ASP B 190 20.32 30.26 28.48
N ALA B 191 19.53 30.38 29.56
CA ALA B 191 18.18 29.81 29.59
C ALA B 191 17.24 30.52 28.63
N ALA B 192 17.66 31.63 28.03
CA ALA B 192 16.85 32.21 26.96
C ALA B 192 17.00 31.43 25.67
N GLU B 193 18.13 30.74 25.47
CA GLU B 193 18.39 30.03 24.23
C GLU B 193 18.17 28.52 24.34
N TRP B 194 18.21 27.97 25.55
CA TRP B 194 18.14 26.54 25.79
C TRP B 194 17.21 26.26 26.97
N GLY B 195 16.60 25.09 26.95
CA GLY B 195 15.71 24.67 28.03
C GLY B 195 15.93 23.21 28.35
N VAL B 196 15.66 22.84 29.60
CA VAL B 196 15.86 21.46 30.00
C VAL B 196 14.80 20.57 29.37
N SER B 197 15.24 19.43 28.85
CA SER B 197 14.41 18.47 28.14
C SER B 197 14.15 17.20 28.94
N VAL B 198 15.22 16.56 29.37
CA VAL B 198 15.21 15.24 30.02
C VAL B 198 16.60 15.00 30.58
N ALA B 199 16.76 14.00 31.43
CA ALA B 199 18.06 13.68 31.99
C ALA B 199 18.30 12.18 31.88
N ALA B 200 19.54 11.78 32.17
CA ALA B 200 19.92 10.38 32.19
C ALA B 200 21.09 10.19 33.13
N THR B 201 21.05 9.10 33.88
CA THR B 201 22.19 8.66 34.66
C THR B 201 22.85 7.46 33.98
N PHE B 202 24.13 7.27 34.27
CA PHE B 202 24.94 6.18 33.72
C PHE B 202 25.87 5.67 34.81
N GLY B 203 26.09 4.36 34.81
CA GLY B 203 27.02 3.78 35.75
C GLY B 203 26.99 2.27 35.66
N TYR B 204 27.40 1.64 36.75
CA TYR B 204 27.38 0.18 36.85
C TYR B 204 26.41 -0.20 37.96
N ARG B 205 25.44 -1.05 37.63
CA ARG B 205 24.39 -1.40 38.58
C ARG B 205 24.98 -2.02 39.85
N VAL B 206 24.34 -1.75 40.99
CA VAL B 206 24.83 -2.32 42.25
C VAL B 206 24.33 -3.75 42.44
N GLN B 207 23.19 -4.10 41.84
CA GLN B 207 22.61 -5.43 42.01
C GLN B 207 21.91 -5.82 40.71
N GLU B 208 21.35 -7.03 40.69
CA GLU B 208 20.66 -7.48 39.49
C GLU B 208 19.34 -6.73 39.35
N ILE B 209 18.92 -6.56 38.09
CA ILE B 209 17.70 -5.82 37.76
C ILE B 209 16.80 -6.75 36.95
N ALA B 210 15.57 -6.88 37.38
CA ALA B 210 14.63 -7.74 36.67
C ALA B 210 14.16 -7.08 35.38
N THR B 211 14.06 -7.88 34.33
CA THR B 211 13.49 -7.42 33.06
C THR B 211 12.08 -6.94 33.27
N LYS B 212 11.75 -5.75 32.75
CA LYS B 212 10.42 -5.19 32.96
C LYS B 212 9.47 -5.51 31.81
N ALA B 213 8.18 -5.54 32.12
CA ALA B 213 7.17 -5.98 31.16
C ALA B 213 6.92 -4.94 30.07
N ARG B 214 6.42 -5.44 28.94
CA ARG B 214 5.93 -4.61 27.86
C ARG B 214 4.60 -5.16 27.36
N ARG B 215 3.77 -4.27 26.84
CA ARG B 215 2.53 -4.69 26.22
C ARG B 215 2.83 -5.62 25.04
N PRO B 216 1.99 -6.62 24.79
CA PRO B 216 2.21 -7.52 23.65
C PRO B 216 2.22 -6.76 22.33
N LEU B 217 3.01 -7.27 21.38
CA LEU B 217 3.11 -6.65 20.06
C LEU B 217 1.74 -6.53 19.39
N GLU B 218 0.87 -7.54 19.57
CA GLU B 218 -0.45 -7.47 18.97
C GLU B 218 -1.31 -6.35 19.54
N GLU B 219 -0.95 -5.78 20.69
CA GLU B 219 -1.64 -4.61 21.23
C GLU B 219 -0.91 -3.32 20.91
N THR B 220 0.07 -3.37 20.06
CA THR B 220 0.82 -2.18 19.68
C THR B 220 0.90 -1.99 18.18
N VAL B 221 1.03 -3.08 17.43
CA VAL B 221 1.21 -2.98 15.99
C VAL B 221 -0.14 -2.99 15.31
N ILE B 222 -0.34 -2.05 14.39
CA ILE B 222 -1.53 -1.96 13.56
C ILE B 222 -1.09 -2.25 12.14
N TRP B 223 -1.61 -3.34 11.56
CA TRP B 223 -1.17 -3.77 10.24
C TRP B 223 -2.09 -3.17 9.18
N ALA B 224 -1.54 -2.27 8.39
CA ALA B 224 -2.25 -1.61 7.29
C ALA B 224 -1.34 -1.63 6.06
N THR C 5 -26.05 5.15 -7.87
CA THR C 5 -26.72 5.95 -8.89
C THR C 5 -27.33 4.97 -9.90
N VAL C 6 -28.64 4.81 -9.84
CA VAL C 6 -29.33 3.71 -10.51
C VAL C 6 -30.08 4.24 -11.72
N LEU C 7 -29.85 3.60 -12.87
CA LEU C 7 -30.51 3.96 -14.11
C LEU C 7 -31.63 2.96 -14.42
N ASP C 8 -32.67 3.45 -15.08
CA ASP C 8 -33.69 2.54 -15.61
C ASP C 8 -33.05 1.53 -16.55
N ARG C 9 -33.43 0.26 -16.40
CA ARG C 9 -32.81 -0.77 -17.24
C ARG C 9 -33.13 -0.55 -18.71
N GLU C 10 -34.25 0.11 -19.02
CA GLU C 10 -34.53 0.43 -20.42
C GLU C 10 -33.53 1.45 -20.95
N GLN C 11 -33.16 2.42 -20.12
CA GLN C 11 -32.14 3.40 -20.49
C GLN C 11 -30.78 2.75 -20.63
N VAL C 12 -30.46 1.80 -19.75
CA VAL C 12 -29.17 1.09 -19.85
C VAL C 12 -29.10 0.31 -21.15
N LEU C 13 -30.14 -0.46 -21.44
CA LEU C 13 -30.14 -1.29 -22.65
C LEU C 13 -30.07 -0.44 -23.90
N SER C 14 -30.81 0.67 -23.92
CA SER C 14 -30.80 1.55 -25.09
C SER C 14 -29.40 2.09 -25.36
N ALA C 15 -28.74 2.60 -24.32
CA ALA C 15 -27.42 3.19 -24.50
C ALA C 15 -26.38 2.12 -24.79
N PHE C 16 -26.55 0.93 -24.21
CA PHE C 16 -25.65 -0.19 -24.49
C PHE C 16 -25.64 -0.51 -25.98
N LYS C 17 -26.81 -0.45 -26.64
CA LYS C 17 -26.95 -0.69 -28.07
C LYS C 17 -26.26 0.37 -28.93
N ASN C 18 -25.67 1.41 -28.33
CA ASN C 18 -24.85 2.35 -29.10
C ASN C 18 -23.60 1.67 -29.65
N ARG C 19 -23.11 0.64 -28.96
CA ARG C 19 -21.82 0.06 -29.32
C ARG C 19 -21.97 -0.81 -30.56
N LYS C 20 -21.26 -0.44 -31.61
CA LYS C 20 -21.13 -1.21 -32.84
C LYS C 20 -19.67 -1.17 -33.22
N SER C 21 -19.13 -2.27 -33.75
CA SER C 21 -17.74 -2.22 -34.19
C SER C 21 -17.59 -1.26 -35.37
N CYS C 22 -16.68 -0.29 -35.24
CA CYS C 22 -16.49 0.75 -36.23
C CYS C 22 -15.11 0.61 -36.85
N ARG C 23 -15.07 0.44 -38.18
CA ARG C 23 -13.80 0.28 -38.89
C ARG C 23 -13.33 1.56 -39.57
N HIS C 24 -14.20 2.57 -39.70
CA HIS C 24 -13.88 3.79 -40.43
C HIS C 24 -14.28 4.99 -39.60
N TYR C 25 -13.29 5.78 -39.18
CA TYR C 25 -13.53 6.91 -38.33
C TYR C 25 -13.39 8.22 -39.10
N ASP C 26 -13.95 9.28 -38.53
CA ASP C 26 -13.77 10.62 -39.04
C ASP C 26 -12.39 11.09 -38.58
N ALA C 27 -11.44 11.17 -39.52
CA ALA C 27 -10.06 11.50 -39.18
C ALA C 27 -9.89 12.92 -38.62
N ALA C 28 -10.89 13.78 -38.75
CA ALA C 28 -10.80 15.14 -38.23
C ALA C 28 -11.26 15.27 -36.79
N ARG C 29 -11.93 14.27 -36.24
CA ARG C 29 -12.52 14.39 -34.91
C ARG C 29 -11.69 13.61 -33.91
N LYS C 30 -11.26 14.31 -32.86
CA LYS C 30 -10.41 13.74 -31.82
C LYS C 30 -11.21 13.67 -30.52
N ILE C 31 -11.08 12.55 -29.83
CA ILE C 31 -11.61 12.45 -28.47
C ILE C 31 -10.81 13.40 -27.57
N SER C 32 -11.51 14.22 -26.79
CA SER C 32 -10.83 15.12 -25.87
C SER C 32 -10.06 14.34 -24.80
N ALA C 33 -9.06 15.03 -24.23
CA ALA C 33 -8.24 14.40 -23.20
C ALA C 33 -9.08 13.97 -22.00
N GLU C 34 -10.03 14.81 -21.58
CA GLU C 34 -10.91 14.44 -20.47
C GLU C 34 -11.81 13.27 -20.85
N ASP C 35 -12.37 13.26 -22.07
CA ASP C 35 -13.22 12.15 -22.47
C ASP C 35 -12.44 10.85 -22.54
N PHE C 36 -11.18 10.90 -23.00
CA PHE C 36 -10.44 9.65 -23.08
C PHE C 36 -9.98 9.16 -21.72
N GLN C 37 -9.71 10.09 -20.78
CA GLN C 37 -9.38 9.67 -19.43
C GLN C 37 -10.52 8.90 -18.79
N PHE C 38 -11.77 9.28 -19.11
CA PHE C 38 -12.94 8.55 -18.62
C PHE C 38 -12.95 7.12 -19.13
N ILE C 39 -12.60 6.92 -20.40
CA ILE C 39 -12.53 5.57 -20.96
C ILE C 39 -11.45 4.76 -20.25
N LEU C 40 -10.26 5.35 -20.05
CA LEU C 40 -9.21 4.65 -19.32
C LEU C 40 -9.66 4.33 -17.89
N GLU C 41 -10.43 5.21 -17.28
CA GLU C 41 -10.89 4.95 -15.91
C GLU C 41 -11.79 3.73 -15.87
N LEU C 42 -12.65 3.56 -16.88
CA LEU C 42 -13.49 2.36 -16.94
C LEU C 42 -12.63 1.10 -16.96
N GLY C 43 -11.51 1.14 -17.68
CA GLY C 43 -10.60 0.01 -17.66
C GLY C 43 -9.98 -0.19 -16.28
N ARG C 44 -9.42 0.89 -15.71
CA ARG C 44 -8.78 0.80 -14.39
C ARG C 44 -9.71 0.21 -13.35
N LEU C 45 -10.98 0.60 -13.37
CA LEU C 45 -11.95 0.17 -12.37
C LEU C 45 -12.52 -1.22 -12.62
N SER C 46 -12.13 -1.90 -13.70
CA SER C 46 -12.71 -3.20 -14.00
C SER C 46 -12.30 -4.24 -12.95
N PRO C 47 -13.16 -5.23 -12.69
CA PRO C 47 -12.77 -6.33 -11.79
C PRO C 47 -11.74 -7.24 -12.45
N SER C 48 -11.05 -7.99 -11.62
CA SER C 48 -10.04 -8.93 -12.09
C SER C 48 -9.90 -10.01 -11.03
N SER C 49 -9.64 -11.24 -11.47
CA SER C 49 -9.40 -12.34 -10.55
C SER C 49 -8.38 -11.95 -9.48
N VAL C 50 -8.68 -12.29 -8.22
CA VAL C 50 -7.96 -11.90 -7.00
C VAL C 50 -7.51 -10.45 -6.96
N GLY C 51 -8.20 -9.56 -7.67
CA GLY C 51 -7.75 -8.18 -7.70
C GLY C 51 -6.38 -8.02 -8.33
N SER C 52 -6.03 -8.91 -9.25
CA SER C 52 -4.68 -8.92 -9.82
C SER C 52 -4.42 -7.71 -10.72
N GLU C 53 -5.45 -7.18 -11.37
CA GLU C 53 -5.32 -6.07 -12.31
C GLU C 53 -4.15 -6.29 -13.27
N PRO C 54 -4.10 -7.45 -13.94
CA PRO C 54 -2.88 -7.88 -14.63
C PRO C 54 -2.75 -7.28 -16.02
N TRP C 55 -2.91 -5.95 -16.11
CA TRP C 55 -2.99 -5.26 -17.39
C TRP C 55 -2.13 -3.99 -17.40
N GLN C 56 -1.67 -3.63 -18.60
CA GLN C 56 -1.22 -2.29 -18.95
C GLN C 56 -2.03 -1.83 -20.16
N PHE C 57 -2.27 -0.52 -20.27
CA PHE C 57 -2.98 0.07 -21.41
C PHE C 57 -2.00 0.94 -22.17
N VAL C 58 -1.51 0.46 -23.31
CA VAL C 58 -0.59 1.23 -24.14
C VAL C 58 -1.42 2.09 -25.08
N VAL C 59 -1.37 3.41 -24.89
CA VAL C 59 -2.09 4.33 -25.75
C VAL C 59 -1.15 4.71 -26.88
N VAL C 60 -1.48 4.28 -28.09
CA VAL C 60 -0.62 4.46 -29.25
C VAL C 60 -1.11 5.65 -30.07
N GLN C 61 -0.69 6.85 -29.68
CA GLN C 61 -1.05 8.07 -30.38
C GLN C 61 0.04 8.58 -31.33
N ASN C 62 1.26 8.10 -31.18
CA ASN C 62 2.36 8.49 -32.03
C ASN C 62 2.17 7.92 -33.43
N PRO C 63 2.00 8.76 -34.46
CA PRO C 63 1.76 8.21 -35.80
C PRO C 63 2.93 7.39 -36.34
N GLU C 64 4.17 7.63 -35.89
CA GLU C 64 5.28 6.78 -36.31
C GLU C 64 5.05 5.33 -35.91
N ILE C 65 4.51 5.13 -34.71
CA ILE C 65 4.23 3.78 -34.24
C ILE C 65 3.04 3.18 -34.98
N ARG C 66 1.98 3.96 -35.19
CA ARG C 66 0.86 3.42 -35.97
C ARG C 66 1.34 2.99 -37.36
N GLN C 67 2.21 3.79 -37.99
N GLN C 67 2.21 3.78 -37.98
N GLN C 67 2.20 3.79 -37.98
CA GLN C 67 2.69 3.41 -39.31
CA GLN C 67 2.70 3.42 -39.31
CA GLN C 67 2.71 3.45 -39.30
C GLN C 67 3.58 2.18 -39.25
C GLN C 67 3.58 2.18 -39.25
C GLN C 67 3.57 2.19 -39.26
N ALA C 68 4.29 1.97 -38.15
CA ALA C 68 5.16 0.79 -38.05
C ALA C 68 4.35 -0.50 -37.90
N ILE C 69 3.18 -0.41 -37.28
CA ILE C 69 2.41 -1.65 -37.06
C ILE C 69 1.40 -1.89 -38.18
N LYS C 70 1.10 -0.89 -39.00
CA LYS C 70 0.14 -1.07 -40.08
C LYS C 70 0.47 -2.26 -41.00
N PRO C 71 1.72 -2.52 -41.40
CA PRO C 71 1.96 -3.64 -42.33
C PRO C 71 1.44 -4.99 -41.88
N PHE C 72 1.33 -5.25 -40.57
CA PHE C 72 0.88 -6.55 -40.08
C PHE C 72 -0.41 -6.45 -39.27
N SER C 73 -1.15 -5.36 -39.41
CA SER C 73 -2.34 -5.16 -38.61
C SER C 73 -3.56 -5.02 -39.51
N TRP C 74 -3.79 -6.03 -40.36
CA TRP C 74 -4.83 -5.92 -41.38
C TRP C 74 -6.21 -5.71 -40.78
N GLY C 75 -6.44 -6.20 -39.56
CA GLY C 75 -7.73 -6.04 -38.91
C GLY C 75 -8.10 -4.60 -38.60
N ALA C 77 -6.35 -1.85 -40.47
CA ALA C 77 -5.41 -1.09 -41.30
C ALA C 77 -5.94 0.30 -41.62
N ASP C 78 -7.23 0.42 -41.96
CA ASP C 78 -7.76 1.74 -42.30
C ASP C 78 -7.88 2.62 -41.07
N ALA C 79 -8.24 2.02 -39.93
CA ALA C 79 -8.46 2.81 -38.72
C ALA C 79 -7.16 3.38 -38.18
N LEU C 80 -6.04 2.71 -38.44
CA LEU C 80 -4.74 3.24 -38.01
C LEU C 80 -4.47 4.62 -38.59
N ASP C 81 -5.14 4.99 -39.68
CA ASP C 81 -5.00 6.33 -40.23
C ASP C 81 -6.10 7.29 -39.81
N THR C 82 -7.23 6.78 -39.29
CA THR C 82 -8.37 7.65 -39.04
C THR C 82 -8.82 7.68 -37.60
N ALA C 83 -8.53 6.64 -36.81
CA ALA C 83 -9.02 6.58 -35.43
C ALA C 83 -8.38 7.67 -34.56
N SER C 84 -9.18 8.17 -33.62
CA SER C 84 -8.67 9.13 -32.65
C SER C 84 -7.62 8.50 -31.75
N HIS C 85 -7.96 7.37 -31.12
CA HIS C 85 -7.11 6.74 -30.13
C HIS C 85 -6.98 5.26 -30.43
N LEU C 86 -5.84 4.71 -30.03
CA LEU C 86 -5.57 3.29 -30.13
C LEU C 86 -5.06 2.80 -28.78
N VAL C 87 -5.64 1.71 -28.26
CA VAL C 87 -5.12 1.09 -27.06
C VAL C 87 -4.69 -0.33 -27.39
N VAL C 88 -3.44 -0.65 -27.08
CA VAL C 88 -2.99 -2.04 -27.08
C VAL C 88 -2.95 -2.50 -25.64
N PHE C 89 -3.69 -3.55 -25.35
CA PHE C 89 -3.78 -4.10 -24.00
C PHE C 89 -2.64 -5.08 -23.80
N LEU C 90 -1.90 -4.93 -22.70
CA LEU C 90 -0.91 -5.89 -22.26
C LEU C 90 -1.44 -6.69 -21.08
N ALA C 91 -0.99 -7.94 -20.99
CA ALA C 91 -1.35 -8.81 -19.88
C ALA C 91 -0.06 -9.30 -19.22
N LYS C 92 -0.10 -9.43 -17.90
CA LYS C 92 1.06 -9.83 -17.11
C LYS C 92 1.47 -11.27 -17.43
N LYS C 93 2.76 -11.49 -17.66
CA LYS C 93 3.34 -12.82 -17.79
C LYS C 93 3.75 -13.34 -16.42
N ASN C 94 3.66 -14.66 -16.26
CA ASN C 94 4.18 -15.37 -15.07
C ASN C 94 3.62 -14.79 -13.77
N ALA C 95 2.31 -14.51 -13.76
CA ALA C 95 1.65 -14.01 -12.56
C ALA C 95 1.32 -15.15 -11.60
N ARG C 96 2.39 -15.84 -11.17
CA ARG C 96 2.31 -16.87 -10.14
C ARG C 96 1.94 -16.26 -8.80
N PHE C 97 1.32 -17.08 -7.95
CA PHE C 97 0.93 -16.63 -6.62
C PHE C 97 2.11 -16.03 -5.86
N ASP C 98 3.32 -16.58 -6.05
CA ASP C 98 4.51 -16.18 -5.31
C ASP C 98 5.33 -15.09 -6.02
N SER C 99 4.80 -14.44 -7.05
CA SER C 99 5.56 -13.41 -7.74
C SER C 99 5.42 -12.05 -7.04
N PRO C 100 6.43 -11.17 -7.20
CA PRO C 100 6.31 -9.82 -6.60
C PRO C 100 5.06 -9.08 -7.04
N PHE C 101 4.67 -9.25 -8.30
CA PHE C 101 3.49 -8.57 -8.82
C PHE C 101 2.24 -8.98 -8.05
N LEU C 103 2.13 -10.28 -5.07
CA LEU C 103 2.23 -9.85 -3.68
C LEU C 103 1.74 -8.41 -3.53
N GLU C 104 2.10 -7.54 -4.48
CA GLU C 104 1.62 -6.16 -4.43
C GLU C 104 0.10 -6.09 -4.59
N SER C 105 -0.47 -6.92 -5.48
CA SER C 105 -1.93 -6.91 -5.59
C SER C 105 -2.60 -7.42 -4.31
N LEU C 106 -1.95 -8.35 -3.60
CA LEU C 106 -2.54 -8.83 -2.35
C LEU C 106 -2.53 -7.75 -1.27
N LYS C 107 -1.42 -7.01 -1.13
CA LYS C 107 -1.39 -5.92 -0.17
C LYS C 107 -2.44 -4.88 -0.52
N ARG C 108 -2.66 -4.64 -1.81
CA ARG C 108 -3.64 -3.64 -2.25
C ARG C 108 -5.06 -4.06 -1.94
N ARG C 109 -5.32 -5.36 -1.76
CA ARG C 109 -6.60 -5.81 -1.22
C ARG C 109 -6.71 -5.58 0.28
N GLY C 110 -5.66 -5.05 0.92
CA GLY C 110 -5.67 -4.81 2.34
C GLY C 110 -5.21 -5.97 3.20
N VAL C 111 -4.57 -6.98 2.63
CA VAL C 111 -4.05 -8.12 3.39
C VAL C 111 -2.55 -7.91 3.55
N THR C 112 -2.11 -7.51 4.74
CA THR C 112 -0.69 -7.12 4.91
C THR C 112 -0.04 -7.67 6.17
N GLU C 113 -0.79 -8.15 7.15
CA GLU C 113 -0.15 -8.80 8.28
C GLU C 113 0.48 -10.11 7.79
N PRO C 114 1.69 -10.44 8.24
CA PRO C 114 2.41 -11.55 7.58
C PRO C 114 1.71 -12.89 7.64
N ASP C 115 1.09 -13.24 8.77
CA ASP C 115 0.36 -14.51 8.85
C ASP C 115 -0.83 -14.52 7.88
N ALA C 116 -1.57 -13.41 7.80
CA ALA C 116 -2.70 -13.36 6.87
C ALA C 116 -2.22 -13.46 5.43
N ALA C 118 0.35 -15.09 4.28
CA ALA C 118 0.74 -16.46 3.94
C ALA C 118 -0.49 -17.33 3.69
N LYS C 119 -1.55 -17.12 4.47
CA LYS C 119 -2.79 -17.86 4.28
C LYS C 119 -3.40 -17.52 2.93
N SER C 120 -3.42 -16.25 2.54
CA SER C 120 -3.94 -15.87 1.23
C SER C 120 -3.12 -16.50 0.12
N LEU C 121 -1.80 -16.42 0.22
CA LEU C 121 -0.94 -16.94 -0.84
C LEU C 121 -1.11 -18.45 -0.97
N ALA C 122 -1.26 -19.14 0.15
CA ALA C 122 -1.53 -20.57 0.12
C ALA C 122 -2.83 -20.88 -0.63
N ARG C 123 -3.86 -20.06 -0.40
CA ARG C 123 -5.11 -20.23 -1.15
C ARG C 123 -4.91 -19.93 -2.64
N TYR C 124 -4.13 -18.87 -2.94
CA TYR C 124 -3.82 -18.56 -4.34
C TYR C 124 -3.08 -19.71 -4.99
N GLN C 125 -2.11 -20.31 -4.28
N GLN C 125 -2.13 -20.33 -4.28
CA GLN C 125 -1.36 -21.44 -4.82
CA GLN C 125 -1.36 -21.44 -4.83
C GLN C 125 -2.30 -22.58 -5.18
C GLN C 125 -2.25 -22.63 -5.15
N ALA C 126 -3.20 -22.92 -4.26
CA ALA C 126 -4.11 -24.04 -4.48
C ALA C 126 -5.01 -23.76 -5.68
N PHE C 127 -5.51 -22.53 -5.79
CA PHE C 127 -6.35 -22.16 -6.92
C PHE C 127 -5.60 -22.34 -8.24
N GLN C 128 -4.38 -21.82 -8.31
CA GLN C 128 -3.65 -21.85 -9.58
C GLN C 128 -3.20 -23.27 -9.93
N ALA C 129 -2.79 -24.04 -8.94
CA ALA C 129 -2.24 -25.38 -9.17
C ALA C 129 -3.32 -26.44 -9.31
N ASP C 130 -4.39 -26.37 -8.51
CA ASP C 130 -5.32 -27.48 -8.40
C ASP C 130 -6.68 -27.22 -9.01
N ASP C 131 -7.15 -25.97 -9.00
CA ASP C 131 -8.52 -25.66 -9.41
C ASP C 131 -8.62 -25.25 -10.87
N ILE C 132 -7.95 -24.17 -11.25
CA ILE C 132 -7.92 -23.77 -12.65
C ILE C 132 -6.71 -24.32 -13.40
N LYS C 133 -5.68 -24.80 -12.68
CA LYS C 133 -4.60 -25.64 -13.24
C LYS C 133 -3.77 -24.89 -14.28
N ILE C 134 -3.28 -23.71 -13.89
CA ILE C 134 -2.45 -22.90 -14.77
C ILE C 134 -1.01 -22.79 -14.29
N LEU C 135 -0.68 -23.29 -13.10
CA LEU C 135 0.48 -22.80 -12.36
C LEU C 135 1.78 -23.04 -13.10
N ASP C 136 1.99 -24.24 -13.62
CA ASP C 136 3.26 -24.56 -14.25
C ASP C 136 3.17 -24.67 -15.77
N ASP C 137 2.20 -23.97 -16.37
CA ASP C 137 2.07 -23.85 -17.82
C ASP C 137 2.11 -22.36 -18.14
N SER C 138 3.27 -21.90 -18.64
CA SER C 138 3.49 -20.46 -18.83
C SER C 138 2.44 -19.84 -19.73
N ARG C 139 2.07 -20.55 -20.80
CA ARG C 139 1.08 -20.00 -21.73
C ARG C 139 -0.30 -19.95 -21.07
N ALA C 140 -0.66 -21.00 -20.33
CA ALA C 140 -1.94 -20.99 -19.62
C ALA C 140 -1.99 -19.86 -18.58
N LEU C 141 -0.87 -19.65 -17.87
CA LEU C 141 -0.79 -18.57 -16.89
C LEU C 141 -0.93 -17.20 -17.56
N PHE C 142 -0.30 -17.02 -18.72
CA PHE C 142 -0.47 -15.79 -19.49
C PHE C 142 -1.92 -15.63 -19.95
N ASP C 143 -2.54 -16.73 -20.42
N ASP C 143 -2.53 -16.71 -20.45
CA ASP C 143 -3.91 -16.64 -20.92
CA ASP C 143 -3.92 -16.66 -20.92
C ASP C 143 -4.90 -16.31 -19.82
C ASP C 143 -4.84 -16.22 -19.80
N TRP C 144 -4.64 -16.76 -18.59
CA TRP C 144 -5.45 -16.36 -17.44
C TRP C 144 -5.49 -14.84 -17.31
N CYS C 145 -4.31 -14.19 -17.37
CA CYS C 145 -4.29 -12.73 -17.29
C CYS C 145 -4.94 -12.09 -18.51
N CYS C 146 -4.70 -12.66 -19.70
CA CYS C 146 -5.38 -12.15 -20.90
C CYS C 146 -6.90 -12.11 -20.74
N ARG C 147 -7.48 -13.17 -20.16
CA ARG C 147 -8.94 -13.19 -19.97
C ARG C 147 -9.40 -11.99 -19.16
N GLN C 148 -8.66 -11.65 -18.09
CA GLN C 148 -8.99 -10.46 -17.30
C GLN C 148 -8.98 -9.19 -18.14
N THR C 149 -8.02 -9.06 -19.06
CA THR C 149 -7.96 -7.84 -19.87
C THR C 149 -9.16 -7.72 -20.81
N TYR C 150 -9.84 -8.83 -21.16
CA TYR C 150 -11.03 -8.72 -22.00
C TYR C 150 -12.22 -8.16 -21.21
N ILE C 151 -12.22 -8.30 -19.89
CA ILE C 151 -13.17 -7.55 -19.07
C ILE C 151 -12.97 -6.05 -19.22
N ALA C 152 -11.72 -5.59 -19.02
CA ALA C 152 -11.42 -4.17 -19.17
C ALA C 152 -11.77 -3.68 -20.56
N LEU C 153 -11.41 -4.47 -21.58
CA LEU C 153 -11.77 -4.12 -22.96
C LEU C 153 -13.28 -3.94 -23.11
N GLY C 154 -14.06 -4.93 -22.65
CA GLY C 154 -15.50 -4.83 -22.77
C GLY C 154 -16.06 -3.59 -22.07
N ASN C 155 -15.58 -3.32 -20.87
CA ASN C 155 -16.10 -2.18 -20.10
C ASN C 155 -15.76 -0.85 -20.77
N THR C 158 -17.99 -0.48 -24.01
CA THR C 158 -19.40 -0.26 -23.68
C THR C 158 -19.62 1.13 -23.10
N GLY C 159 -18.79 1.52 -22.13
CA GLY C 159 -18.95 2.83 -21.53
C GLY C 159 -18.72 3.95 -22.52
N ALA C 160 -17.68 3.83 -23.35
CA ALA C 160 -17.44 4.81 -24.40
C ALA C 160 -18.68 4.97 -25.28
N ALA C 161 -19.26 3.85 -25.71
CA ALA C 161 -20.41 3.92 -26.60
C ALA C 161 -21.62 4.56 -25.92
N ALA C 163 -21.59 6.82 -23.88
CA ALA C 163 -21.31 8.25 -23.88
C ALA C 163 -21.14 8.83 -25.28
N GLY C 164 -21.36 8.03 -26.33
CA GLY C 164 -21.40 8.52 -27.69
C GLY C 164 -20.10 8.42 -28.46
N ILE C 165 -19.15 7.60 -28.01
CA ILE C 165 -17.84 7.46 -28.65
C ILE C 165 -17.75 6.06 -29.23
N ASP C 166 -17.36 5.96 -30.50
CA ASP C 166 -17.34 4.67 -31.18
C ASP C 166 -16.03 3.93 -30.92
N SER C 167 -16.02 2.64 -31.25
CA SER C 167 -14.85 1.81 -31.01
C SER C 167 -14.90 0.56 -31.87
N CYS C 168 -13.79 -0.20 -31.83
CA CYS C 168 -13.74 -1.52 -32.44
C CYS C 168 -12.73 -2.35 -31.66
N PRO C 169 -13.10 -3.55 -31.20
CA PRO C 169 -12.09 -4.46 -30.64
C PRO C 169 -11.25 -5.04 -31.77
N VAL C 170 -9.99 -5.36 -31.49
CA VAL C 170 -9.07 -5.74 -32.56
C VAL C 170 -8.17 -6.89 -32.12
N GLU C 171 -8.30 -8.04 -32.78
CA GLU C 171 -7.32 -9.12 -32.70
C GLU C 171 -6.56 -9.33 -34.00
N GLY C 172 -6.97 -8.68 -35.06
CA GLY C 172 -6.43 -8.97 -36.37
C GLY C 172 -5.07 -8.37 -36.65
N PHE C 173 -4.05 -8.85 -35.94
CA PHE C 173 -2.69 -8.40 -36.19
C PHE C 173 -1.77 -9.55 -35.84
N ASN C 174 -0.53 -9.48 -36.35
CA ASN C 174 0.45 -10.49 -35.98
C ASN C 174 0.96 -10.20 -34.58
N TYR C 175 0.68 -11.11 -33.65
CA TYR C 175 0.97 -10.84 -32.25
C TYR C 175 2.47 -10.77 -31.99
N ALA C 176 3.24 -11.68 -32.58
CA ALA C 176 4.68 -11.66 -32.42
C ALA C 176 5.27 -10.36 -32.97
N ASP C 177 4.80 -9.92 -34.14
CA ASP C 177 5.28 -8.67 -34.71
C ASP C 177 4.91 -7.48 -33.83
N GLU C 179 4.47 -7.40 -30.55
N GLU C 179 4.48 -7.40 -30.57
CA GLU C 179 5.36 -7.35 -29.40
CA GLU C 179 5.34 -7.37 -29.40
C GLU C 179 6.75 -6.86 -29.78
C GLU C 179 6.75 -6.90 -29.77
N ARG C 180 7.27 -7.36 -30.91
CA ARG C 180 8.62 -6.98 -31.33
C ARG C 180 8.72 -5.48 -31.61
N VAL C 181 7.69 -4.90 -32.22
CA VAL C 181 7.72 -3.48 -32.55
C VAL C 181 7.50 -2.62 -31.31
N LEU C 182 6.47 -2.94 -30.52
CA LEU C 182 6.15 -2.10 -29.36
C LEU C 182 7.23 -2.20 -28.28
N SER C 183 7.69 -3.42 -27.99
CA SER C 183 8.68 -3.62 -26.94
C SER C 183 10.12 -3.43 -27.43
N GLY C 184 10.44 -3.93 -28.61
CA GLY C 184 11.82 -3.92 -29.08
C GLY C 184 12.18 -2.65 -29.81
N GLN C 185 11.41 -2.29 -30.83
CA GLN C 185 11.75 -1.11 -31.62
C GLN C 185 11.48 0.17 -30.86
N PHE C 186 10.38 0.25 -30.11
CA PHE C 186 10.05 1.48 -29.40
C PHE C 186 10.20 1.38 -27.89
N GLY C 187 10.57 0.21 -27.37
CA GLY C 187 10.95 0.11 -25.97
C GLY C 187 9.85 0.50 -24.99
N LEU C 188 8.59 0.21 -25.32
CA LEU C 188 7.48 0.69 -24.50
C LEU C 188 7.22 -0.16 -23.27
N PHE C 189 7.65 -1.42 -23.28
CA PHE C 189 7.46 -2.27 -22.12
C PHE C 189 8.50 -3.38 -22.17
N ASP C 190 8.69 -4.03 -21.02
CA ASP C 190 9.57 -5.17 -20.90
C ASP C 190 8.80 -6.41 -21.34
N ALA C 191 9.18 -6.98 -22.48
CA ALA C 191 8.45 -8.12 -23.03
C ALA C 191 8.66 -9.39 -22.22
N ALA C 192 9.60 -9.39 -21.28
CA ALA C 192 9.70 -10.51 -20.37
C ALA C 192 8.60 -10.49 -19.32
N GLU C 193 8.04 -9.31 -19.03
CA GLU C 193 7.05 -9.17 -17.96
C GLU C 193 5.63 -9.03 -18.47
N TRP C 194 5.46 -8.58 -19.72
CA TRP C 194 4.16 -8.28 -20.28
C TRP C 194 4.09 -8.82 -21.71
N GLY C 195 2.87 -9.15 -22.15
CA GLY C 195 2.66 -9.60 -23.51
C GLY C 195 1.38 -9.02 -24.06
N VAL C 196 1.33 -8.89 -25.38
CA VAL C 196 0.17 -8.26 -26.00
C VAL C 196 -1.02 -9.20 -25.90
N SER C 197 -2.16 -8.67 -25.46
CA SER C 197 -3.40 -9.42 -25.30
C SER C 197 -4.40 -9.18 -26.42
N VAL C 198 -4.70 -7.91 -26.71
CA VAL C 198 -5.77 -7.50 -27.62
C VAL C 198 -5.66 -5.99 -27.80
N ALA C 199 -6.34 -5.42 -28.79
CA ALA C 199 -6.27 -3.98 -29.03
C ALA C 199 -7.68 -3.43 -29.22
N ALA C 200 -7.78 -2.10 -29.22
CA ALA C 200 -9.04 -1.43 -29.48
C ALA C 200 -8.79 -0.05 -30.05
N THR C 201 -9.60 0.35 -31.01
CA THR C 201 -9.60 1.70 -31.55
C THR C 201 -10.79 2.45 -30.98
N PHE C 202 -10.64 3.78 -30.88
CA PHE C 202 -11.70 4.64 -30.40
C PHE C 202 -11.75 5.89 -31.26
N GLY C 203 -12.97 6.39 -31.49
CA GLY C 203 -13.12 7.63 -32.23
C GLY C 203 -14.57 7.91 -32.53
N TYR C 204 -14.80 8.72 -33.57
CA TYR C 204 -16.15 9.04 -34.01
C TYR C 204 -16.37 8.46 -35.41
N ARG C 205 -17.44 7.67 -35.57
CA ARG C 205 -17.66 6.97 -36.82
C ARG C 205 -17.85 7.96 -37.97
N VAL C 206 -17.36 7.58 -39.14
CA VAL C 206 -17.50 8.46 -40.31
C VAL C 206 -18.87 8.32 -40.96
N GLN C 207 -19.54 7.17 -40.77
CA GLN C 207 -20.79 6.90 -41.44
C GLN C 207 -21.67 6.05 -40.54
N GLU C 208 -22.91 5.83 -40.98
CA GLU C 208 -23.80 4.98 -40.22
C GLU C 208 -23.35 3.53 -40.30
N ILE C 209 -23.54 2.81 -39.19
CA ILE C 209 -23.14 1.42 -39.04
C ILE C 209 -24.39 0.62 -38.72
N ALA C 210 -24.63 -0.43 -39.50
CA ALA C 210 -25.79 -1.30 -39.28
C ALA C 210 -25.59 -2.16 -38.05
N THR C 211 -26.64 -2.29 -37.24
CA THR C 211 -26.61 -3.24 -36.13
C THR C 211 -26.36 -4.64 -36.67
N LYS C 212 -25.43 -5.35 -36.04
CA LYS C 212 -25.07 -6.69 -36.48
C LYS C 212 -25.84 -7.77 -35.72
N ALA C 213 -25.91 -8.95 -36.32
CA ALA C 213 -26.79 -10.02 -35.83
C ALA C 213 -26.19 -10.77 -34.64
N ARG C 214 -27.07 -11.36 -33.85
CA ARG C 214 -26.69 -12.25 -32.77
C ARG C 214 -27.57 -13.50 -32.82
N ARG C 215 -26.98 -14.63 -32.42
CA ARG C 215 -27.73 -15.86 -32.24
C ARG C 215 -28.90 -15.61 -31.28
N PRO C 216 -30.06 -16.22 -31.52
CA PRO C 216 -31.18 -16.07 -30.57
C PRO C 216 -30.82 -16.53 -29.16
N LEU C 217 -31.42 -15.86 -28.17
CA LEU C 217 -31.23 -16.24 -26.76
C LEU C 217 -31.53 -17.72 -26.53
N GLU C 218 -32.60 -18.24 -27.15
CA GLU C 218 -32.95 -19.65 -27.01
C GLU C 218 -31.84 -20.59 -27.46
N GLU C 219 -30.93 -20.13 -28.32
CA GLU C 219 -29.81 -20.96 -28.76
C GLU C 219 -28.54 -20.66 -27.97
N THR C 220 -28.64 -19.90 -26.91
CA THR C 220 -27.49 -19.54 -26.09
C THR C 220 -27.69 -19.86 -24.62
N VAL C 221 -28.89 -19.63 -24.10
CA VAL C 221 -29.15 -19.83 -22.67
C VAL C 221 -29.59 -21.27 -22.43
N ILE C 222 -28.99 -21.91 -21.43
CA ILE C 222 -29.39 -23.23 -20.96
C ILE C 222 -29.98 -23.06 -19.57
N TRP C 223 -31.26 -23.43 -19.41
CA TRP C 223 -31.94 -23.22 -18.14
C TRP C 223 -31.76 -24.46 -17.28
N ALA C 224 -31.04 -24.29 -16.18
CA ALA C 224 -30.80 -25.34 -15.20
C ALA C 224 -31.06 -24.79 -13.81
N THR D 5 -28.72 6.69 -28.25
CA THR D 5 -29.19 7.20 -26.96
C THR D 5 -27.96 7.48 -26.10
N VAL D 6 -27.63 8.75 -25.92
CA VAL D 6 -26.34 9.16 -25.40
C VAL D 6 -26.51 9.64 -23.97
N LEU D 7 -25.72 9.06 -23.07
CA LEU D 7 -25.69 9.47 -21.67
C LEU D 7 -24.46 10.34 -21.42
N ASP D 8 -24.58 11.24 -20.45
CA ASP D 8 -23.42 12.04 -20.06
C ASP D 8 -22.37 11.13 -19.43
N ARG D 9 -21.10 11.38 -19.75
CA ARG D 9 -20.05 10.47 -19.28
C ARG D 9 -19.97 10.43 -17.75
N GLU D 10 -20.34 11.51 -17.07
CA GLU D 10 -20.28 11.46 -15.61
C GLU D 10 -21.41 10.62 -15.04
N GLN D 11 -22.57 10.62 -15.70
CA GLN D 11 -23.66 9.71 -15.35
C GLN D 11 -23.26 8.26 -15.59
N VAL D 12 -22.58 7.99 -16.70
CA VAL D 12 -22.14 6.62 -16.98
C VAL D 12 -21.14 6.16 -15.94
N LEU D 13 -20.13 7.00 -15.66
CA LEU D 13 -19.12 6.62 -14.69
C LEU D 13 -19.74 6.40 -13.31
N SER D 14 -20.67 7.28 -12.91
CA SER D 14 -21.33 7.12 -11.61
C SER D 14 -22.10 5.81 -11.53
N ALA D 15 -22.79 5.42 -12.60
CA ALA D 15 -23.56 4.18 -12.55
C ALA D 15 -22.63 2.96 -12.62
N PHE D 16 -21.56 3.07 -13.39
CA PHE D 16 -20.54 2.01 -13.46
C PHE D 16 -19.96 1.68 -12.09
N LYS D 17 -19.77 2.70 -11.24
CA LYS D 17 -19.22 2.50 -9.90
C LYS D 17 -20.19 1.81 -8.95
N ASN D 18 -21.43 1.56 -9.37
CA ASN D 18 -22.30 0.70 -8.58
C ASN D 18 -21.70 -0.69 -8.42
N ARG D 19 -20.94 -1.16 -9.39
CA ARG D 19 -20.53 -2.57 -9.42
C ARG D 19 -19.40 -2.82 -8.44
N LYS D 20 -19.66 -3.67 -7.46
CA LYS D 20 -18.69 -4.18 -6.52
C LYS D 20 -18.93 -5.68 -6.36
N SER D 21 -17.85 -6.44 -6.18
CA SER D 21 -18.00 -7.87 -5.99
C SER D 21 -18.76 -8.18 -4.70
N CYS D 22 -19.89 -8.90 -4.82
CA CYS D 22 -20.76 -9.19 -3.69
C CYS D 22 -20.71 -10.68 -3.36
N ARG D 23 -20.35 -11.01 -2.12
CA ARG D 23 -20.26 -12.41 -1.71
C ARG D 23 -21.45 -12.89 -0.91
N HIS D 24 -22.27 -11.97 -0.39
CA HIS D 24 -23.34 -12.29 0.53
C HIS D 24 -24.60 -11.58 0.06
N TYR D 25 -25.60 -12.35 -0.36
CA TYR D 25 -26.83 -11.79 -0.90
C TYR D 25 -27.97 -11.94 0.07
N ASP D 26 -29.01 -11.13 -0.15
CA ASP D 26 -30.28 -11.26 0.56
C ASP D 26 -31.06 -12.44 -0.03
N ALA D 27 -31.14 -13.54 0.72
CA ALA D 27 -31.72 -14.77 0.20
C ALA D 27 -33.21 -14.64 -0.12
N ALA D 28 -33.89 -13.64 0.42
CA ALA D 28 -35.32 -13.50 0.15
C ALA D 28 -35.61 -12.74 -1.14
N ARG D 29 -34.64 -11.99 -1.67
CA ARG D 29 -34.87 -11.10 -2.80
C ARG D 29 -34.43 -11.78 -4.09
N LYS D 30 -35.37 -11.95 -5.00
CA LYS D 30 -35.11 -12.56 -6.29
C LYS D 30 -35.14 -11.49 -7.38
N ILE D 31 -34.23 -11.61 -8.33
CA ILE D 31 -34.30 -10.79 -9.54
C ILE D 31 -35.51 -11.24 -10.35
N SER D 32 -36.31 -10.28 -10.80
CA SER D 32 -37.49 -10.61 -11.60
C SER D 32 -37.08 -11.24 -12.93
N ALA D 33 -38.02 -12.02 -13.49
CA ALA D 33 -37.78 -12.65 -14.79
C ALA D 33 -37.42 -11.61 -15.84
N GLU D 34 -38.16 -10.51 -15.88
CA GLU D 34 -37.91 -9.46 -16.86
C GLU D 34 -36.54 -8.84 -16.66
N ASP D 35 -36.18 -8.55 -15.40
CA ASP D 35 -34.87 -7.94 -15.15
C ASP D 35 -33.74 -8.89 -15.53
N PHE D 36 -33.91 -10.19 -15.26
CA PHE D 36 -32.83 -11.10 -15.59
C PHE D 36 -32.72 -11.33 -17.09
N GLN D 37 -33.84 -11.27 -17.82
CA GLN D 37 -33.79 -11.30 -19.27
C GLN D 37 -32.93 -10.16 -19.81
N PHE D 38 -33.00 -9.00 -19.17
CA PHE D 38 -32.20 -7.84 -19.56
C PHE D 38 -30.71 -8.12 -19.36
N ILE D 39 -30.34 -8.79 -18.27
CA ILE D 39 -28.96 -9.15 -18.02
C ILE D 39 -28.45 -10.12 -19.09
N LEU D 40 -29.22 -11.17 -19.37
CA LEU D 40 -28.82 -12.11 -20.42
C LEU D 40 -28.71 -11.40 -21.76
N GLU D 41 -29.56 -10.42 -22.02
CA GLU D 41 -29.49 -9.71 -23.29
C GLU D 41 -28.15 -9.00 -23.45
N LEU D 42 -27.63 -8.44 -22.35
CA LEU D 42 -26.33 -7.77 -22.43
C LEU D 42 -25.23 -8.73 -22.82
N GLY D 43 -25.32 -9.97 -22.33
CA GLY D 43 -24.39 -11.00 -22.78
C GLY D 43 -24.58 -11.35 -24.24
N ARG D 44 -25.83 -11.64 -24.64
CA ARG D 44 -26.14 -11.94 -26.04
C ARG D 44 -25.58 -10.88 -26.99
N LEU D 45 -25.77 -9.61 -26.66
CA LEU D 45 -25.38 -8.54 -27.55
C LEU D 45 -23.88 -8.22 -27.51
N SER D 46 -23.09 -8.92 -26.71
CA SER D 46 -21.69 -8.57 -26.57
C SER D 46 -20.93 -8.87 -27.86
N PRO D 47 -19.85 -8.12 -28.15
CA PRO D 47 -19.03 -8.42 -29.32
C PRO D 47 -18.19 -9.66 -29.09
N SER D 48 -17.69 -10.23 -30.18
CA SER D 48 -16.83 -11.41 -30.10
C SER D 48 -16.00 -11.43 -31.36
N SER D 49 -14.78 -11.98 -31.26
CA SER D 49 -13.91 -12.08 -32.42
C SER D 49 -14.63 -12.80 -33.54
N VAL D 50 -14.55 -12.24 -34.75
CA VAL D 50 -15.23 -12.65 -35.99
C VAL D 50 -16.71 -12.93 -35.80
N GLY D 51 -17.33 -12.31 -34.79
CA GLY D 51 -18.75 -12.58 -34.60
C GLY D 51 -19.03 -14.01 -34.19
N SER D 52 -18.06 -14.69 -33.59
CA SER D 52 -18.18 -16.11 -33.31
C SER D 52 -19.22 -16.41 -32.23
N GLU D 53 -19.46 -15.50 -31.29
CA GLU D 53 -20.36 -15.69 -30.16
C GLU D 53 -20.15 -17.07 -29.54
N PRO D 54 -18.91 -17.40 -29.14
CA PRO D 54 -18.55 -18.79 -28.78
C PRO D 54 -18.92 -19.16 -27.36
N TRP D 55 -20.14 -18.82 -26.96
CA TRP D 55 -20.55 -18.96 -25.57
C TRP D 55 -21.92 -19.62 -25.45
N GLN D 56 -22.13 -20.26 -24.31
CA GLN D 56 -23.44 -20.63 -23.77
C GLN D 56 -23.51 -20.09 -22.35
N PHE D 57 -24.73 -19.71 -21.92
CA PHE D 57 -24.95 -19.21 -20.56
C PHE D 57 -25.83 -20.23 -19.84
N VAL D 58 -25.24 -20.99 -18.92
CA VAL D 58 -25.98 -21.95 -18.10
C VAL D 58 -26.49 -21.23 -16.86
N VAL D 59 -27.80 -21.01 -16.79
CA VAL D 59 -28.40 -20.38 -15.62
C VAL D 59 -28.75 -21.51 -14.65
N VAL D 60 -28.09 -21.52 -13.49
CA VAL D 60 -28.16 -22.63 -12.57
C VAL D 60 -29.07 -22.19 -11.43
N GLN D 61 -30.38 -22.43 -11.62
CA GLN D 61 -31.40 -22.06 -10.65
C GLN D 61 -31.89 -23.24 -9.82
N ASN D 62 -31.63 -24.46 -10.26
CA ASN D 62 -32.01 -25.67 -9.54
C ASN D 62 -31.15 -25.84 -8.29
N PRO D 63 -31.72 -25.76 -7.08
CA PRO D 63 -30.87 -25.88 -5.89
C PRO D 63 -30.22 -27.26 -5.75
N GLU D 64 -30.76 -28.31 -6.38
CA GLU D 64 -30.05 -29.59 -6.39
C GLU D 64 -28.67 -29.43 -7.02
N ILE D 65 -28.62 -28.69 -8.13
CA ILE D 65 -27.36 -28.49 -8.81
C ILE D 65 -26.44 -27.58 -8.00
N ARG D 66 -26.99 -26.53 -7.40
CA ARG D 66 -26.16 -25.65 -6.58
C ARG D 66 -25.53 -26.44 -5.44
N GLN D 67 -26.33 -27.28 -4.77
CA GLN D 67 -25.77 -28.08 -3.68
C GLN D 67 -24.72 -29.06 -4.16
N ALA D 68 -24.83 -29.51 -5.43
CA ALA D 68 -23.87 -30.47 -5.97
C ALA D 68 -22.52 -29.83 -6.24
N ILE D 69 -22.50 -28.56 -6.64
CA ILE D 69 -21.22 -27.90 -6.95
C ILE D 69 -20.62 -27.22 -5.74
N LYS D 70 -21.39 -27.03 -4.66
CA LYS D 70 -20.87 -26.35 -3.49
C LYS D 70 -19.59 -26.97 -2.93
N PRO D 71 -19.45 -28.30 -2.79
CA PRO D 71 -18.23 -28.82 -2.15
C PRO D 71 -16.93 -28.42 -2.81
N PHE D 72 -16.92 -28.09 -4.10
CA PHE D 72 -15.69 -27.70 -4.78
C PHE D 72 -15.75 -26.26 -5.29
N SER D 73 -16.69 -25.46 -4.80
CA SER D 73 -16.85 -24.10 -5.30
C SER D 73 -16.60 -23.08 -4.20
N TRP D 74 -15.43 -23.16 -3.56
CA TRP D 74 -15.18 -22.36 -2.36
C TRP D 74 -15.23 -20.86 -2.65
N GLY D 75 -14.99 -20.46 -3.90
CA GLY D 75 -15.05 -19.04 -4.25
C GLY D 75 -16.44 -18.44 -4.16
N ALA D 77 -19.07 -20.30 -2.15
CA ALA D 77 -19.78 -21.28 -1.32
C ALA D 77 -21.00 -20.66 -0.65
N ASP D 78 -20.83 -19.49 -0.04
CA ASP D 78 -21.95 -18.86 0.67
C ASP D 78 -23.01 -18.36 -0.30
N ALA D 79 -22.61 -17.86 -1.47
CA ALA D 79 -23.56 -17.31 -2.43
C ALA D 79 -24.44 -18.39 -3.06
N LEU D 80 -23.94 -19.62 -3.17
CA LEU D 80 -24.76 -20.69 -3.71
C LEU D 80 -26.05 -20.86 -2.90
N ASP D 81 -26.02 -20.49 -1.62
CA ASP D 81 -27.22 -20.53 -0.79
C ASP D 81 -28.09 -19.28 -0.90
N THR D 82 -27.51 -18.13 -1.21
CA THR D 82 -28.22 -16.87 -1.07
C THR D 82 -28.42 -16.11 -2.37
N ALA D 83 -27.62 -16.36 -3.40
CA ALA D 83 -27.75 -15.61 -4.65
C ALA D 83 -29.07 -15.91 -5.34
N SER D 84 -29.65 -14.87 -5.95
CA SER D 84 -30.84 -15.02 -6.78
C SER D 84 -30.56 -15.89 -8.00
N HIS D 85 -29.53 -15.54 -8.78
CA HIS D 85 -29.20 -16.22 -10.01
C HIS D 85 -27.71 -16.57 -10.06
N LEU D 86 -27.41 -17.69 -10.72
CA LEU D 86 -26.05 -18.13 -11.00
C LEU D 86 -25.91 -18.41 -12.50
N VAL D 87 -24.85 -17.88 -13.12
CA VAL D 87 -24.56 -18.17 -14.52
C VAL D 87 -23.19 -18.83 -14.59
N VAL D 88 -23.12 -19.99 -15.20
CA VAL D 88 -21.84 -20.60 -15.57
C VAL D 88 -21.67 -20.40 -17.07
N PHE D 89 -20.59 -19.73 -17.45
CA PHE D 89 -20.30 -19.46 -18.86
C PHE D 89 -19.56 -20.64 -19.46
N LEU D 90 -20.02 -21.09 -20.62
CA LEU D 90 -19.33 -22.09 -21.42
C LEU D 90 -18.64 -21.43 -22.60
N ALA D 91 -17.52 -21.98 -23.02
CA ALA D 91 -16.82 -21.50 -24.19
C ALA D 91 -16.71 -22.65 -25.18
N LYS D 92 -16.85 -22.34 -26.46
CA LYS D 92 -16.78 -23.34 -27.52
C LYS D 92 -15.40 -24.00 -27.59
N LYS D 93 -15.39 -25.32 -27.71
CA LYS D 93 -14.18 -26.10 -27.96
C LYS D 93 -13.96 -26.31 -29.46
N ASN D 94 -12.68 -26.25 -29.87
N ASN D 94 -12.68 -26.28 -29.87
CA ASN D 94 -12.27 -26.59 -31.22
CA ASN D 94 -12.28 -26.61 -31.24
C ASN D 94 -12.97 -25.73 -32.27
C ASN D 94 -12.99 -25.73 -32.27
N ALA D 95 -13.08 -24.43 -31.99
CA ALA D 95 -13.68 -23.49 -32.93
C ALA D 95 -12.68 -23.11 -34.04
N ARG D 96 -12.27 -24.13 -34.79
CA ARG D 96 -11.43 -23.92 -35.95
C ARG D 96 -12.20 -23.22 -37.07
N PHE D 97 -11.46 -22.54 -37.94
CA PHE D 97 -12.05 -21.86 -39.10
C PHE D 97 -12.93 -22.79 -39.94
N ASP D 98 -12.63 -24.10 -39.98
CA ASP D 98 -13.35 -25.04 -40.83
C ASP D 98 -14.40 -25.86 -40.06
N SER D 99 -14.80 -25.40 -38.84
CA SER D 99 -15.77 -26.17 -38.09
C SER D 99 -17.20 -25.76 -38.47
N PRO D 100 -18.18 -26.65 -38.32
CA PRO D 100 -19.57 -26.24 -38.59
C PRO D 100 -20.02 -25.06 -37.76
N PHE D 101 -19.51 -24.94 -36.52
CA PHE D 101 -19.91 -23.84 -35.66
C PHE D 101 -19.48 -22.50 -36.23
N LEU D 103 -18.74 -21.88 -39.38
CA LEU D 103 -19.46 -21.63 -40.62
C LEU D 103 -20.81 -21.00 -40.34
N GLU D 104 -21.46 -21.39 -39.25
CA GLU D 104 -22.76 -20.82 -38.95
C GLU D 104 -22.63 -19.35 -38.55
N SER D 105 -21.54 -19.00 -37.85
CA SER D 105 -21.35 -17.62 -37.43
C SER D 105 -21.02 -16.73 -38.62
N LEU D 106 -20.28 -17.26 -39.60
CA LEU D 106 -19.97 -16.47 -40.78
C LEU D 106 -21.22 -16.18 -41.60
N LYS D 107 -22.12 -17.15 -41.72
CA LYS D 107 -23.37 -16.87 -42.42
C LYS D 107 -24.19 -15.83 -41.66
N ARG D 108 -24.11 -15.83 -40.33
CA ARG D 108 -24.84 -14.87 -39.51
C ARG D 108 -24.30 -13.46 -39.66
N ARG D 109 -23.03 -13.30 -40.06
CA ARG D 109 -22.51 -11.99 -40.45
C ARG D 109 -22.98 -11.57 -41.83
N GLY D 110 -23.76 -12.38 -42.54
CA GLY D 110 -24.26 -12.01 -43.84
C GLY D 110 -23.35 -12.39 -45.00
N VAL D 111 -22.44 -13.33 -44.80
CA VAL D 111 -21.56 -13.79 -45.87
C VAL D 111 -22.05 -15.20 -46.24
N THR D 112 -22.73 -15.33 -47.37
CA THR D 112 -23.33 -16.62 -47.71
C THR D 112 -23.13 -17.03 -49.16
N GLU D 113 -22.64 -16.15 -50.03
CA GLU D 113 -22.31 -16.57 -51.38
C GLU D 113 -21.07 -17.47 -51.31
N PRO D 114 -21.06 -18.60 -52.01
CA PRO D 114 -19.98 -19.59 -51.77
C PRO D 114 -18.57 -19.06 -51.98
N ASP D 115 -18.32 -18.32 -53.05
CA ASP D 115 -16.97 -17.77 -53.27
C ASP D 115 -16.60 -16.77 -52.18
N ALA D 116 -17.56 -15.95 -51.74
CA ALA D 116 -17.30 -15.00 -50.67
C ALA D 116 -17.04 -15.71 -49.34
N ALA D 118 -15.80 -18.69 -49.03
CA ALA D 118 -14.48 -19.30 -49.16
C ALA D 118 -13.37 -18.31 -48.86
N LYS D 119 -13.51 -17.06 -49.33
CA LYS D 119 -12.48 -16.05 -49.08
C LYS D 119 -12.43 -15.67 -47.61
N SER D 120 -13.58 -15.52 -46.96
CA SER D 120 -13.61 -15.24 -45.54
C SER D 120 -12.94 -16.35 -44.74
N LEU D 121 -13.27 -17.60 -45.04
CA LEU D 121 -12.67 -18.71 -44.30
C LEU D 121 -11.16 -18.74 -44.51
N ALA D 122 -10.71 -18.44 -45.72
CA ALA D 122 -9.27 -18.35 -45.98
C ALA D 122 -8.62 -17.32 -45.06
N ARG D 123 -9.29 -16.18 -44.85
CA ARG D 123 -8.74 -15.17 -43.95
C ARG D 123 -8.79 -15.63 -42.50
N TYR D 124 -9.87 -16.31 -42.10
CA TYR D 124 -9.97 -16.85 -40.75
C TYR D 124 -8.83 -17.83 -40.47
N GLN D 125 -8.50 -18.66 -41.47
CA GLN D 125 -7.45 -19.66 -41.29
C GLN D 125 -6.10 -19.00 -41.06
N ALA D 126 -5.76 -18.00 -41.85
CA ALA D 126 -4.49 -17.32 -41.69
C ALA D 126 -4.41 -16.62 -40.34
N PHE D 127 -5.50 -15.98 -39.93
CA PHE D 127 -5.54 -15.36 -38.61
C PHE D 127 -5.28 -16.37 -37.51
N GLN D 128 -5.99 -17.51 -37.53
CA GLN D 128 -5.82 -18.49 -36.47
C GLN D 128 -4.47 -19.20 -36.56
N ALA D 129 -3.98 -19.45 -37.77
CA ALA D 129 -2.74 -20.20 -37.91
C ALA D 129 -1.51 -19.29 -37.76
N ASP D 130 -1.57 -18.06 -38.26
CA ASP D 130 -0.38 -17.22 -38.42
C ASP D 130 -0.32 -16.00 -37.51
N ASP D 131 -1.46 -15.39 -37.20
CA ASP D 131 -1.48 -14.11 -36.49
C ASP D 131 -1.56 -14.32 -34.98
N ILE D 132 -2.61 -15.00 -34.51
CA ILE D 132 -2.74 -15.29 -33.10
C ILE D 132 -2.22 -16.68 -32.74
N LYS D 133 -2.02 -17.55 -33.74
CA LYS D 133 -1.31 -18.83 -33.59
C LYS D 133 -1.98 -19.73 -32.53
N ILE D 134 -3.23 -20.09 -32.80
CA ILE D 134 -4.00 -20.93 -31.89
C ILE D 134 -4.38 -22.28 -32.50
N LEU D 135 -3.93 -22.60 -33.71
CA LEU D 135 -4.27 -23.88 -34.34
C LEU D 135 -3.27 -24.99 -34.05
N ASP D 136 -2.25 -24.72 -33.25
CA ASP D 136 -1.27 -25.75 -32.90
C ASP D 136 -1.60 -26.44 -31.57
N ASP D 137 -2.63 -25.98 -30.87
CA ASP D 137 -2.94 -26.51 -29.54
C ASP D 137 -4.41 -26.30 -29.27
N SER D 138 -5.14 -27.39 -29.00
CA SER D 138 -6.57 -27.27 -28.74
C SER D 138 -6.85 -26.42 -27.52
N ARG D 139 -5.95 -26.44 -26.54
N ARG D 139 -5.94 -26.43 -26.53
CA ARG D 139 -6.13 -25.61 -25.36
CA ARG D 139 -6.17 -25.59 -25.35
C ARG D 139 -6.06 -24.13 -25.70
C ARG D 139 -6.06 -24.11 -25.69
N ALA D 140 -5.15 -23.75 -26.60
CA ALA D 140 -5.06 -22.36 -27.03
C ALA D 140 -6.30 -21.94 -27.79
N LEU D 141 -6.85 -22.85 -28.61
CA LEU D 141 -8.10 -22.59 -29.31
C LEU D 141 -9.24 -22.40 -28.32
N PHE D 142 -9.34 -23.26 -27.31
CA PHE D 142 -10.37 -23.11 -26.30
C PHE D 142 -10.19 -21.81 -25.51
N ASP D 143 -8.95 -21.47 -25.19
CA ASP D 143 -8.69 -20.24 -24.44
C ASP D 143 -9.07 -19.00 -25.25
N TRP D 144 -8.86 -19.03 -26.57
CA TRP D 144 -9.33 -17.95 -27.43
C TRP D 144 -10.82 -17.69 -27.24
N CYS D 145 -11.63 -18.76 -27.29
CA CYS D 145 -13.07 -18.60 -27.04
C CYS D 145 -13.34 -18.14 -25.61
N CYS D 146 -12.58 -18.66 -24.63
CA CYS D 146 -12.80 -18.22 -23.25
C CYS D 146 -12.62 -16.72 -23.09
N ARG D 147 -11.60 -16.12 -23.73
CA ARG D 147 -11.42 -14.68 -23.65
C ARG D 147 -12.68 -13.93 -24.07
N GLN D 148 -13.31 -14.37 -25.17
CA GLN D 148 -14.54 -13.70 -25.62
C GLN D 148 -15.63 -13.79 -24.57
N THR D 149 -15.73 -14.91 -23.83
CA THR D 149 -16.79 -14.98 -22.83
C THR D 149 -16.57 -14.00 -21.69
N TYR D 150 -15.34 -13.55 -21.47
CA TYR D 150 -15.09 -12.57 -20.41
C TYR D 150 -15.60 -11.18 -20.81
N ILE D 151 -15.68 -10.88 -22.11
CA ILE D 151 -16.40 -9.68 -22.55
C ILE D 151 -17.86 -9.73 -22.10
N ALA D 152 -18.54 -10.83 -22.41
CA ALA D 152 -19.93 -10.96 -22.03
C ALA D 152 -20.09 -10.87 -20.52
N LEU D 153 -19.23 -11.57 -19.78
CA LEU D 153 -19.19 -11.48 -18.33
C LEU D 153 -19.14 -10.02 -17.87
N GLY D 154 -18.13 -9.28 -18.36
CA GLY D 154 -18.00 -7.89 -17.97
C GLY D 154 -19.23 -7.07 -18.28
N ASN D 155 -19.78 -7.23 -19.49
CA ASN D 155 -20.96 -6.44 -19.86
C ASN D 155 -22.17 -6.80 -19.00
N THR D 158 -21.62 -5.26 -15.41
CA THR D 158 -21.70 -3.80 -15.46
C THR D 158 -23.13 -3.33 -15.68
N GLY D 159 -23.80 -3.89 -16.69
CA GLY D 159 -25.17 -3.47 -16.95
C GLY D 159 -26.09 -3.75 -15.79
N ALA D 160 -25.96 -4.94 -15.19
CA ALA D 160 -26.75 -5.26 -13.99
C ALA D 160 -26.52 -4.23 -12.89
N ALA D 161 -25.26 -3.86 -12.64
CA ALA D 161 -24.97 -2.90 -11.59
C ALA D 161 -25.57 -1.53 -11.89
N ALA D 163 -28.17 -0.86 -13.31
CA ALA D 163 -29.59 -0.95 -13.08
C ALA D 163 -29.95 -1.33 -11.64
N GLY D 164 -28.95 -1.45 -10.75
CA GLY D 164 -29.19 -1.64 -9.34
C GLY D 164 -29.00 -3.05 -8.82
N ILE D 165 -28.50 -3.97 -9.64
CA ILE D 165 -28.43 -5.38 -9.29
C ILE D 165 -26.98 -5.75 -9.04
N ASP D 166 -26.73 -6.39 -7.90
CA ASP D 166 -25.37 -6.76 -7.51
C ASP D 166 -24.95 -8.07 -8.15
N SER D 167 -23.64 -8.31 -8.18
CA SER D 167 -23.08 -9.49 -8.82
C SER D 167 -21.71 -9.79 -8.22
N CYS D 168 -21.15 -10.93 -8.63
CA CYS D 168 -19.75 -11.30 -8.34
C CYS D 168 -19.24 -12.19 -9.46
N PRO D 169 -18.09 -11.88 -10.07
CA PRO D 169 -17.45 -12.85 -10.97
C PRO D 169 -16.77 -13.95 -10.15
N VAL D 170 -16.72 -15.15 -10.72
CA VAL D 170 -16.30 -16.32 -9.95
C VAL D 170 -15.42 -17.22 -10.79
N GLU D 171 -14.17 -17.40 -10.36
CA GLU D 171 -13.29 -18.45 -10.85
C GLU D 171 -12.95 -19.47 -9.78
N GLY D 172 -13.30 -19.21 -8.52
CA GLY D 172 -12.87 -20.08 -7.45
C GLY D 172 -13.66 -21.38 -7.33
N PHE D 173 -13.46 -22.28 -8.29
CA PHE D 173 -14.05 -23.61 -8.22
C PHE D 173 -13.14 -24.57 -8.98
N ASN D 174 -13.28 -25.85 -8.69
CA ASN D 174 -12.54 -26.85 -9.45
C ASN D 174 -13.17 -27.01 -10.83
N TYR D 175 -12.42 -26.63 -11.87
CA TYR D 175 -12.96 -26.59 -13.22
C TYR D 175 -13.29 -27.98 -13.74
N ALA D 176 -12.45 -28.97 -13.46
CA ALA D 176 -12.74 -30.35 -13.87
C ALA D 176 -14.00 -30.87 -13.18
N ASP D 177 -14.10 -30.64 -11.86
CA ASP D 177 -15.29 -31.04 -11.12
C ASP D 177 -16.55 -30.37 -11.68
N GLU D 179 -17.16 -29.31 -14.73
N GLU D 179 -17.17 -29.27 -14.75
CA GLU D 179 -17.57 -29.89 -16.00
CA GLU D 179 -17.59 -29.90 -16.00
C GLU D 179 -18.15 -31.29 -15.80
C GLU D 179 -18.21 -31.27 -15.75
N ARG D 180 -17.61 -32.06 -14.85
CA ARG D 180 -18.15 -33.40 -14.60
C ARG D 180 -19.56 -33.34 -14.04
N VAL D 181 -19.83 -32.40 -13.15
CA VAL D 181 -21.15 -32.33 -12.53
C VAL D 181 -22.17 -31.75 -13.51
N LEU D 182 -21.85 -30.62 -14.15
CA LEU D 182 -22.82 -29.97 -15.03
C LEU D 182 -23.07 -30.79 -16.28
N SER D 183 -22.01 -31.34 -16.88
CA SER D 183 -22.17 -32.12 -18.12
C SER D 183 -22.42 -33.60 -17.84
N GLY D 184 -21.63 -34.19 -16.94
CA GLY D 184 -21.73 -35.62 -16.71
C GLY D 184 -22.91 -35.99 -15.84
N GLN D 185 -23.06 -35.32 -14.69
CA GLN D 185 -24.11 -35.68 -13.75
C GLN D 185 -25.48 -35.17 -14.16
N PHE D 186 -25.55 -33.95 -14.71
CA PHE D 186 -26.84 -33.34 -15.04
C PHE D 186 -27.08 -33.18 -16.52
N GLY D 187 -26.11 -33.55 -17.36
CA GLY D 187 -26.33 -33.61 -18.80
C GLY D 187 -26.75 -32.30 -19.43
N LEU D 188 -26.22 -31.18 -18.95
CA LEU D 188 -26.62 -29.87 -19.44
C LEU D 188 -25.96 -29.50 -20.75
N PHE D 189 -24.80 -30.08 -21.07
CA PHE D 189 -24.13 -29.78 -22.32
C PHE D 189 -23.23 -30.95 -22.71
N ASP D 190 -22.85 -30.96 -23.98
CA ASP D 190 -21.86 -31.88 -24.52
C ASP D 190 -20.47 -31.38 -24.19
N ALA D 191 -19.78 -32.11 -23.30
CA ALA D 191 -18.42 -31.76 -22.92
C ALA D 191 -17.43 -31.87 -24.07
N ALA D 192 -17.79 -32.57 -25.14
CA ALA D 192 -16.89 -32.56 -26.30
C ALA D 192 -16.92 -31.23 -27.03
N GLU D 193 -18.03 -30.52 -26.98
CA GLU D 193 -18.22 -29.31 -27.77
C GLU D 193 -18.05 -28.02 -26.98
N TRP D 194 -18.17 -28.06 -25.66
CA TRP D 194 -18.15 -26.88 -24.81
C TRP D 194 -17.36 -27.16 -23.54
N GLY D 195 -16.73 -26.11 -23.02
CA GLY D 195 -16.01 -26.21 -21.76
C GLY D 195 -16.34 -25.05 -20.83
N VAL D 196 -16.18 -25.30 -19.54
CA VAL D 196 -16.49 -24.26 -18.57
C VAL D 196 -15.40 -23.18 -18.61
N SER D 197 -15.84 -21.92 -18.66
N SER D 197 -15.83 -21.92 -18.65
CA SER D 197 -14.95 -20.77 -18.75
CA SER D 197 -14.92 -20.78 -18.74
C SER D 197 -14.87 -19.95 -17.47
C SER D 197 -14.86 -19.95 -17.46
N VAL D 198 -16.01 -19.58 -16.91
CA VAL D 198 -16.06 -18.68 -15.74
C VAL D 198 -17.50 -18.70 -15.25
N ALA D 199 -17.74 -18.21 -14.04
CA ALA D 199 -19.10 -18.13 -13.52
C ALA D 199 -19.37 -16.73 -12.99
N ALA D 200 -20.64 -16.46 -12.67
CA ALA D 200 -21.00 -15.21 -12.02
C ALA D 200 -22.30 -15.39 -11.23
N THR D 201 -22.37 -14.75 -10.07
CA THR D 201 -23.57 -14.69 -9.26
C THR D 201 -24.27 -13.36 -9.45
N PHE D 202 -25.59 -13.35 -9.28
CA PHE D 202 -26.37 -12.12 -9.34
C PHE D 202 -27.43 -12.11 -8.25
N GLY D 203 -27.62 -10.94 -7.66
CA GLY D 203 -28.67 -10.79 -6.65
C GLY D 203 -28.65 -9.40 -6.07
N TYR D 204 -29.20 -9.27 -4.86
CA TYR D 204 -29.22 -8.02 -4.13
C TYR D 204 -28.38 -8.15 -2.87
N ARG D 205 -27.47 -7.21 -2.64
CA ARG D 205 -26.52 -7.36 -1.53
C ARG D 205 -27.25 -7.30 -0.18
N VAL D 206 -26.72 -8.05 0.78
CA VAL D 206 -27.34 -8.10 2.09
C VAL D 206 -26.79 -7.02 3.02
N GLN D 207 -25.64 -6.42 2.70
CA GLN D 207 -25.04 -5.37 3.50
C GLN D 207 -24.24 -4.44 2.60
N GLU D 208 -23.84 -3.30 3.14
CA GLU D 208 -23.04 -2.42 2.33
C GLU D 208 -21.68 -3.06 2.04
N ILE D 209 -21.12 -2.70 0.89
CA ILE D 209 -19.85 -3.24 0.42
C ILE D 209 -18.90 -2.08 0.19
N ALA D 210 -17.69 -2.19 0.75
CA ALA D 210 -16.69 -1.15 0.59
C ALA D 210 -16.07 -1.18 -0.79
N THR D 211 -15.90 0.00 -1.39
CA THR D 211 -15.20 0.12 -2.66
C THR D 211 -13.78 -0.42 -2.53
N LYS D 212 -13.38 -1.26 -3.47
CA LYS D 212 -12.07 -1.89 -3.42
C LYS D 212 -11.07 -1.07 -4.24
N ALA D 213 -9.79 -1.18 -3.87
CA ALA D 213 -8.78 -0.33 -4.47
C ALA D 213 -8.38 -0.79 -5.86
N ARG D 214 -7.76 0.15 -6.60
CA ARG D 214 -7.16 -0.11 -7.91
C ARG D 214 -5.82 0.60 -7.97
N ARG D 215 -4.90 0.02 -8.72
CA ARG D 215 -3.60 0.65 -8.95
C ARG D 215 -3.82 2.02 -9.61
N PRO D 216 -3.01 3.03 -9.29
CA PRO D 216 -3.18 4.34 -9.94
C PRO D 216 -3.04 4.25 -11.44
N LEU D 217 -3.81 5.08 -12.14
CA LEU D 217 -3.78 5.09 -13.59
C LEU D 217 -2.35 5.30 -14.11
N GLU D 218 -1.53 6.08 -13.39
CA GLU D 218 -0.15 6.32 -13.81
C GLU D 218 0.71 5.07 -13.77
N GLU D 219 0.28 4.01 -13.07
CA GLU D 219 1.00 2.75 -13.07
C GLU D 219 0.34 1.73 -13.98
N THR D 220 -0.54 2.17 -14.87
CA THR D 220 -1.26 1.25 -15.75
C THR D 220 -1.20 1.73 -17.18
N VAL D 221 -1.23 3.04 -17.39
CA VAL D 221 -1.28 3.59 -18.73
C VAL D 221 0.14 3.92 -19.20
N ILE D 222 0.46 3.51 -20.43
CA ILE D 222 1.73 3.80 -21.06
C ILE D 222 1.41 4.68 -22.26
N TRP D 223 1.87 5.93 -22.22
CA TRP D 223 1.57 6.90 -23.27
C TRP D 223 2.59 6.76 -24.39
N ALA D 224 2.11 6.49 -25.59
CA ALA D 224 2.96 6.25 -26.74
C ALA D 224 2.23 6.73 -27.99
#